data_1TOR
# 
_entry.id   1TOR 
# 
_audit_conform.dict_name       mmcif_pdbx.dic 
_audit_conform.dict_version    5.391 
_audit_conform.dict_location   http://mmcif.pdb.org/dictionaries/ascii/mmcif_pdbx.dic 
# 
loop_
_database_2.database_id 
_database_2.database_code 
_database_2.pdbx_database_accession 
_database_2.pdbx_DOI 
PDB   1TOR         pdb_00001tor 10.2210/pdb1tor/pdb 
WWPDB D_1000176773 ?            ?                   
# 
loop_
_pdbx_audit_revision_history.ordinal 
_pdbx_audit_revision_history.data_content_type 
_pdbx_audit_revision_history.major_revision 
_pdbx_audit_revision_history.minor_revision 
_pdbx_audit_revision_history.revision_date 
1 'Structure model' 1 0 1996-03-08 
2 'Structure model' 1 1 2008-03-24 
3 'Structure model' 1 2 2011-07-13 
4 'Structure model' 1 3 2017-11-29 
5 'Structure model' 1 4 2024-05-01 
# 
_pdbx_audit_revision_details.ordinal             1 
_pdbx_audit_revision_details.revision_ordinal    1 
_pdbx_audit_revision_details.data_content_type   'Structure model' 
_pdbx_audit_revision_details.provider            repository 
_pdbx_audit_revision_details.type                'Initial release' 
_pdbx_audit_revision_details.description         ? 
_pdbx_audit_revision_details.details             ? 
# 
loop_
_pdbx_audit_revision_group.ordinal 
_pdbx_audit_revision_group.revision_ordinal 
_pdbx_audit_revision_group.data_content_type 
_pdbx_audit_revision_group.group 
1 2 'Structure model' 'Version format compliance' 
2 3 'Structure model' 'Version format compliance' 
3 4 'Structure model' 'Derived calculations'      
4 4 'Structure model' Other                       
5 5 'Structure model' 'Data collection'           
6 5 'Structure model' 'Database references'       
# 
loop_
_pdbx_audit_revision_category.ordinal 
_pdbx_audit_revision_category.revision_ordinal 
_pdbx_audit_revision_category.data_content_type 
_pdbx_audit_revision_category.category 
1 4 'Structure model' pdbx_database_status  
2 4 'Structure model' pdbx_struct_assembly  
3 4 'Structure model' pdbx_struct_oper_list 
4 4 'Structure model' struct_conf           
5 5 'Structure model' chem_comp_atom        
6 5 'Structure model' chem_comp_bond        
7 5 'Structure model' database_2            
8 5 'Structure model' pdbx_nmr_software     
# 
loop_
_pdbx_audit_revision_item.ordinal 
_pdbx_audit_revision_item.revision_ordinal 
_pdbx_audit_revision_item.data_content_type 
_pdbx_audit_revision_item.item 
1 4 'Structure model' '_pdbx_database_status.process_site'  
2 5 'Structure model' '_database_2.pdbx_DOI'                
3 5 'Structure model' '_database_2.pdbx_database_accession' 
4 5 'Structure model' '_pdbx_nmr_software.name'             
# 
_pdbx_database_status.status_code                     REL 
_pdbx_database_status.entry_id                        1TOR 
_pdbx_database_status.recvd_initial_deposition_date   1995-10-11 
_pdbx_database_status.deposit_site                    ? 
_pdbx_database_status.process_site                    BNL 
_pdbx_database_status.status_code_sf                  ? 
_pdbx_database_status.status_code_mr                  REL 
_pdbx_database_status.SG_entry                        ? 
_pdbx_database_status.pdb_format_compatible           Y 
_pdbx_database_status.status_code_cs                  ? 
_pdbx_database_status.methods_development_category    ? 
_pdbx_database_status.status_code_nmr_data            ? 
# 
loop_
_audit_author.name 
_audit_author.pdbx_ordinal 
'Orlewski, P.'              1 
'Tsikaris, V.'              2 
'Sakarellos, C.'            3 
'Sakarellos-Daistiotis, M.' 4 
'Vatzaki, E.'               5 
'Tzartos, S.J.'             6 
'Marraud, M.'               7 
'Cung, M.T.'                8 
# 
loop_
_citation.id 
_citation.title 
_citation.journal_abbrev 
_citation.journal_volume 
_citation.page_first 
_citation.page_last 
_citation.year 
_citation.journal_id_ASTM 
_citation.country 
_citation.journal_id_ISSN 
_citation.journal_id_CSD 
_citation.book_publisher 
_citation.pdbx_database_id_PubMed 
_citation.pdbx_database_id_DOI 
primary 
;Compared structures of the free nicotinic acetylcholine receptor main immunogenic region (MIR) decapeptide and the antibody-bound [A76]MIR analogue: a molecular dynamics simulation from two-dimensional NMR data.
;
Biopolymers 40 419  432 1996 BIPMAA US 0006-3525 0161 ? 9062066 '10.1002/(SICI)1097-0282(1996)40:5<419::AID-BIP1>3.0.CO;2-Z' 
1       
;Conformational Requirements for Molecular Recognition of Acetylcholine Receptor Main Immunogenic Region (Mir) Analogues by Monoclonal Anti-Mir Antibody: A Two-Dimensional Nuclear Magnetic Resonance and Molecular Dynamics Approach
;
Biopolymers 33 1123 ?   1993 BIPMAA US 0006-3525 0161 ? ?       ?                                                            
2       
;2D-NMR and Molecular Dynamics Analysis of the Torpedo Californica Acetylcholine Receptor Alpha67-76 Fragment and of its [Ala76]-Analogue
;
Pept.Res.   5  14   ?   1992 PEREEO US 1040-5704 1085 ? ?       ?                                                            
3       
;Two-Dimensional 1H-NMR Study of Antigen-Antibody Interactions: Binding of Synthetic Decapeptides to an Anti-Acetylcholine Receptor Monoclonal Antibody
;
Biopolymers 31 769  ?   1991 BIPMAA US 0006-3525 0161 ? ?       ?                                                            
4       
'Two-Dimensional 1H-NMR Study of Synthetic Peptides Containing the Main Immunogenic Region of the Torpedo Acetylcholine Receptor' 
Biopolymers 28 465  ?   1989 BIPMAA US 0006-3525 0161 ? ?       ?                                                            
# 
loop_
_citation_author.citation_id 
_citation_author.name 
_citation_author.ordinal 
_citation_author.identifier_ORCID 
primary 'Orlewski, P.'              1  ? 
primary 'Marraud, M.'               2  ? 
primary 'Cung, M.T.'                3  ? 
primary 'Tsikaris, V.'              4  ? 
primary 'Sakarellos-Daitsiotis, M.' 5  ? 
primary 'Sakarellos, C.'            6  ? 
primary 'Vatzaki, E.'               7  ? 
primary 'Tzartos, S.J.'             8  ? 
1       'Tsikaris, V.'              9  ? 
1       'Desticas, E.'              10 ? 
1       'Sakarellos-Daistiotis, M.' 11 ? 
1       'Sakarellos, C.'            12 ? 
1       'Cung, M.T.'                13 ? 
1       'Marraud, M.'               14 ? 
1       'Vatzaki, E.'               15 ? 
1       'Tzartos, S.J.'             16 ? 
2       'Cung, M.T.'                17 ? 
2       'Tsikaris, V.'              18 ? 
2       'Demange, P.'               19 ? 
2       'Papadouli, I.'             20 ? 
2       'Tzartos, S.'               21 ? 
2       'Sakarellos, C.'            22 ? 
2       'Marraud, M.'               23 ? 
3       'Cung, M.T.'                24 ? 
3       'Demange, P.'               25 ? 
3       'Marraud, M.'               26 ? 
3       'Tsikaris, V.'              27 ? 
3       'Papadouli, I.'             28 ? 
3       'Sakarellos, C.'            29 ? 
3       'Kokla, A.'                 30 ? 
3       'Tzartos, S.J.'             31 ? 
4       'Cung, M.T.'                32 ? 
4       'Marraud, M.'               33 ? 
4       'Hadjidakis, I.'            34 ? 
4       'Bairaktari, E.'            35 ? 
4       'Sakarellos, C.'            36 ? 
4       'Kokla, A.'                 37 ? 
4       'J Tzartos, S.'             38 ? 
# 
_entity.id                         1 
_entity.type                       polymer 
_entity.src_method                 nat 
_entity.pdbx_description           'ACETYLCHOLINE RECEPTOR, MAIN IMMUNOGENIC REGION' 
_entity.formula_weight             1121.223 
_entity.pdbx_number_of_molecules   1 
_entity.pdbx_ec                    ? 
_entity.pdbx_mutation              ? 
_entity.pdbx_fragment              ? 
_entity.details                    ? 
# 
_entity_name_com.entity_id   1 
_entity_name_com.name        MIR 
# 
_entity_poly.entity_id                      1 
_entity_poly.type                           'polypeptide(L)' 
_entity_poly.nstd_linkage                   no 
_entity_poly.nstd_monomer                   no 
_entity_poly.pdbx_seq_one_letter_code       WNPADYGGIK 
_entity_poly.pdbx_seq_one_letter_code_can   WNPADYGGIK 
_entity_poly.pdbx_strand_id                 A 
_entity_poly.pdbx_target_identifier         ? 
# 
loop_
_entity_poly_seq.entity_id 
_entity_poly_seq.num 
_entity_poly_seq.mon_id 
_entity_poly_seq.hetero 
1 1  TRP n 
1 2  ASN n 
1 3  PRO n 
1 4  ALA n 
1 5  ASP n 
1 6  TYR n 
1 7  GLY n 
1 8  GLY n 
1 9  ILE n 
1 10 LYS n 
# 
_entity_src_nat.entity_id                  1 
_entity_src_nat.pdbx_src_id                1 
_entity_src_nat.pdbx_alt_source_flag       sample 
_entity_src_nat.pdbx_beg_seq_num           ? 
_entity_src_nat.pdbx_end_seq_num           ? 
_entity_src_nat.common_name                'Pacific electric ray' 
_entity_src_nat.pdbx_organism_scientific   'Torpedo californica' 
_entity_src_nat.pdbx_ncbi_taxonomy_id      7787 
_entity_src_nat.genus                      Torpedo 
_entity_src_nat.species                    ? 
_entity_src_nat.strain                     ? 
_entity_src_nat.tissue                     ? 
_entity_src_nat.tissue_fraction            ? 
_entity_src_nat.pdbx_secretion             ? 
_entity_src_nat.pdbx_fragment              ? 
_entity_src_nat.pdbx_variant               ? 
_entity_src_nat.pdbx_cell_line             ? 
_entity_src_nat.pdbx_atcc                  ? 
_entity_src_nat.pdbx_cellular_location     ? 
_entity_src_nat.pdbx_organ                 ? 
_entity_src_nat.pdbx_organelle             ? 
_entity_src_nat.pdbx_cell                  ? 
_entity_src_nat.pdbx_plasmid_name          ? 
_entity_src_nat.pdbx_plasmid_details       ? 
_entity_src_nat.details                    ? 
# 
loop_
_chem_comp.id 
_chem_comp.type 
_chem_comp.mon_nstd_flag 
_chem_comp.name 
_chem_comp.pdbx_synonyms 
_chem_comp.formula 
_chem_comp.formula_weight 
ALA 'L-peptide linking' y ALANINE         ? 'C3 H7 N O2'     89.093  
ASN 'L-peptide linking' y ASPARAGINE      ? 'C4 H8 N2 O3'    132.118 
ASP 'L-peptide linking' y 'ASPARTIC ACID' ? 'C4 H7 N O4'     133.103 
GLY 'peptide linking'   y GLYCINE         ? 'C2 H5 N O2'     75.067  
ILE 'L-peptide linking' y ISOLEUCINE      ? 'C6 H13 N O2'    131.173 
LYS 'L-peptide linking' y LYSINE          ? 'C6 H15 N2 O2 1' 147.195 
PRO 'L-peptide linking' y PROLINE         ? 'C5 H9 N O2'     115.130 
TRP 'L-peptide linking' y TRYPTOPHAN      ? 'C11 H12 N2 O2'  204.225 
TYR 'L-peptide linking' y TYROSINE        ? 'C9 H11 N O3'    181.189 
# 
loop_
_pdbx_poly_seq_scheme.asym_id 
_pdbx_poly_seq_scheme.entity_id 
_pdbx_poly_seq_scheme.seq_id 
_pdbx_poly_seq_scheme.mon_id 
_pdbx_poly_seq_scheme.ndb_seq_num 
_pdbx_poly_seq_scheme.pdb_seq_num 
_pdbx_poly_seq_scheme.auth_seq_num 
_pdbx_poly_seq_scheme.pdb_mon_id 
_pdbx_poly_seq_scheme.auth_mon_id 
_pdbx_poly_seq_scheme.pdb_strand_id 
_pdbx_poly_seq_scheme.pdb_ins_code 
_pdbx_poly_seq_scheme.hetero 
A 1 1  TRP 1  1  1  TRP TRP A . n 
A 1 2  ASN 2  2  2  ASN ASN A . n 
A 1 3  PRO 3  3  3  PRO PRO A . n 
A 1 4  ALA 4  4  4  ALA ALA A . n 
A 1 5  ASP 5  5  5  ASP ASP A . n 
A 1 6  TYR 6  6  6  TYR TYR A . n 
A 1 7  GLY 7  7  7  GLY GLY A . n 
A 1 8  GLY 8  8  8  GLY GLY A . n 
A 1 9  ILE 9  9  9  ILE ILE A . n 
A 1 10 LYS 10 10 10 LYS LYS A . n 
# 
_cell.entry_id           1TOR 
_cell.length_a           1.000 
_cell.length_b           1.000 
_cell.length_c           1.000 
_cell.angle_alpha        90.00 
_cell.angle_beta         90.00 
_cell.angle_gamma        90.00 
_cell.Z_PDB              1 
_cell.pdbx_unique_axis   ? 
# 
_symmetry.entry_id                         1TOR 
_symmetry.space_group_name_H-M             'P 1' 
_symmetry.pdbx_full_space_group_name_H-M   ? 
_symmetry.cell_setting                     ? 
_symmetry.Int_Tables_number                1 
# 
_exptl.entry_id          1TOR 
_exptl.method            'SOLUTION NMR' 
_exptl.crystals_number   ? 
# 
_struct.entry_id                  1TOR 
_struct.title                     
'MOLECULAR DYNAMICS SIMULATION FROM 2D-NMR DATA OF THE FREE ACHR MIR DECAPEPTIDE AND THE ANTIBODY-BOUND [A76]MIR ANALOGUE' 
_struct.pdbx_model_details        ? 
_struct.pdbx_CASP_flag            ? 
_struct.pdbx_model_type_details   ? 
# 
_struct_keywords.entry_id        1TOR 
_struct_keywords.pdbx_keywords   'TRANSMEMBRANE PROTEIN' 
_struct_keywords.text            'TRANSMEMBRANE PROTEIN' 
# 
_struct_asym.id                            A 
_struct_asym.pdbx_blank_PDB_chainid_flag   Y 
_struct_asym.pdbx_modified                 N 
_struct_asym.entity_id                     1 
_struct_asym.details                       ? 
# 
_struct_ref.id                         1 
_struct_ref.db_name                    UNP 
_struct_ref.db_code                    ACHA_TORCA 
_struct_ref.pdbx_db_accession          P02710 
_struct_ref.entity_id                  1 
_struct_ref.pdbx_align_begin           91 
_struct_ref.pdbx_db_isoform            ? 
_struct_ref.pdbx_seq_one_letter_code   ? 
# 
_struct_ref_seq.align_id                      1 
_struct_ref_seq.ref_id                        1 
_struct_ref_seq.pdbx_PDB_id_code              1TOR 
_struct_ref_seq.pdbx_strand_id                A 
_struct_ref_seq.seq_align_beg                 1 
_struct_ref_seq.pdbx_seq_align_beg_ins_code   ? 
_struct_ref_seq.seq_align_end                 10 
_struct_ref_seq.pdbx_seq_align_end_ins_code   ? 
_struct_ref_seq.pdbx_db_accession             P02710 
_struct_ref_seq.db_align_beg                  91 
_struct_ref_seq.pdbx_db_align_beg_ins_code    ? 
_struct_ref_seq.db_align_end                  100 
_struct_ref_seq.pdbx_db_align_end_ins_code    ? 
_struct_ref_seq.pdbx_auth_seq_align_beg       1 
_struct_ref_seq.pdbx_auth_seq_align_end       10 
# 
_pdbx_struct_assembly.id                   1 
_pdbx_struct_assembly.details              author_defined_assembly 
_pdbx_struct_assembly.method_details       ? 
_pdbx_struct_assembly.oligomeric_details   monomeric 
_pdbx_struct_assembly.oligomeric_count     1 
# 
_pdbx_struct_assembly_gen.assembly_id       1 
_pdbx_struct_assembly_gen.oper_expression   1 
_pdbx_struct_assembly_gen.asym_id_list      A 
# 
_pdbx_struct_oper_list.id                   1 
_pdbx_struct_oper_list.type                 'identity operation' 
_pdbx_struct_oper_list.name                 1_555 
_pdbx_struct_oper_list.symmetry_operation   ? 
_pdbx_struct_oper_list.matrix[1][1]         1.0000000000 
_pdbx_struct_oper_list.matrix[1][2]         0.0000000000 
_pdbx_struct_oper_list.matrix[1][3]         0.0000000000 
_pdbx_struct_oper_list.vector[1]            0.0000000000 
_pdbx_struct_oper_list.matrix[2][1]         0.0000000000 
_pdbx_struct_oper_list.matrix[2][2]         1.0000000000 
_pdbx_struct_oper_list.matrix[2][3]         0.0000000000 
_pdbx_struct_oper_list.vector[2]            0.0000000000 
_pdbx_struct_oper_list.matrix[3][1]         0.0000000000 
_pdbx_struct_oper_list.matrix[3][2]         0.0000000000 
_pdbx_struct_oper_list.matrix[3][3]         1.0000000000 
_pdbx_struct_oper_list.vector[3]            0.0000000000 
# 
_struct_biol.id   1 
# 
loop_
_pdbx_validate_rmsd_angle.id 
_pdbx_validate_rmsd_angle.PDB_model_num 
_pdbx_validate_rmsd_angle.auth_atom_id_1 
_pdbx_validate_rmsd_angle.auth_asym_id_1 
_pdbx_validate_rmsd_angle.auth_comp_id_1 
_pdbx_validate_rmsd_angle.auth_seq_id_1 
_pdbx_validate_rmsd_angle.PDB_ins_code_1 
_pdbx_validate_rmsd_angle.label_alt_id_1 
_pdbx_validate_rmsd_angle.auth_atom_id_2 
_pdbx_validate_rmsd_angle.auth_asym_id_2 
_pdbx_validate_rmsd_angle.auth_comp_id_2 
_pdbx_validate_rmsd_angle.auth_seq_id_2 
_pdbx_validate_rmsd_angle.PDB_ins_code_2 
_pdbx_validate_rmsd_angle.label_alt_id_2 
_pdbx_validate_rmsd_angle.auth_atom_id_3 
_pdbx_validate_rmsd_angle.auth_asym_id_3 
_pdbx_validate_rmsd_angle.auth_comp_id_3 
_pdbx_validate_rmsd_angle.auth_seq_id_3 
_pdbx_validate_rmsd_angle.PDB_ins_code_3 
_pdbx_validate_rmsd_angle.label_alt_id_3 
_pdbx_validate_rmsd_angle.angle_value 
_pdbx_validate_rmsd_angle.angle_target_value 
_pdbx_validate_rmsd_angle.angle_deviation 
_pdbx_validate_rmsd_angle.angle_standard_deviation 
_pdbx_validate_rmsd_angle.linker_flag 
1 2 CD1 A TRP 1 ? ? NE1 A TRP 1 ? ? CE2 A TRP 1 ? ? 103.58 109.00 -5.42 0.90 N 
2 4 CD1 A TRP 1 ? ? NE1 A TRP 1 ? ? CE2 A TRP 1 ? ? 103.38 109.00 -5.62 0.90 N 
3 5 CD1 A TRP 1 ? ? NE1 A TRP 1 ? ? CE2 A TRP 1 ? ? 103.28 109.00 -5.72 0.90 N 
# 
loop_
_pdbx_validate_torsion.id 
_pdbx_validate_torsion.PDB_model_num 
_pdbx_validate_torsion.auth_comp_id 
_pdbx_validate_torsion.auth_asym_id 
_pdbx_validate_torsion.auth_seq_id 
_pdbx_validate_torsion.PDB_ins_code 
_pdbx_validate_torsion.label_alt_id 
_pdbx_validate_torsion.phi 
_pdbx_validate_torsion.psi 
1  1 ASN A 2 ? ? -49.88  159.42 
2  1 ALA A 4 ? ? -98.95  36.67  
3  1 ASP A 5 ? ? -154.62 -92.42 
4  2 ALA A 4 ? ? -95.70  44.63  
5  2 ASP A 5 ? ? -154.77 -73.32 
6  3 ASP A 5 ? ? -127.14 -62.86 
7  3 ILE A 9 ? ? -93.06  -65.91 
8  4 PRO A 3 ? ? -78.54  27.76  
9  4 ASP A 5 ? ? -150.55 -83.04 
10 5 ASP A 5 ? ? -140.63 -78.59 
# 
_pdbx_nmr_ensemble.entry_id                             1TOR 
_pdbx_nmr_ensemble.conformers_calculated_total_number   ? 
_pdbx_nmr_ensemble.conformers_submitted_total_number    5 
_pdbx_nmr_ensemble.conformer_selection_criteria         ? 
# 
loop_
_pdbx_nmr_software.classification 
_pdbx_nmr_software.name 
_pdbx_nmr_software.version 
_pdbx_nmr_software.authors 
_pdbx_nmr_software.ordinal 
refinement DGII     ?   HAVEL  1 
refinement Discover 2.8 BIOSYM 2 
# 
loop_
_chem_comp_atom.comp_id 
_chem_comp_atom.atom_id 
_chem_comp_atom.type_symbol 
_chem_comp_atom.pdbx_aromatic_flag 
_chem_comp_atom.pdbx_stereo_config 
_chem_comp_atom.pdbx_ordinal 
ALA N    N N N 1   
ALA CA   C N S 2   
ALA C    C N N 3   
ALA O    O N N 4   
ALA CB   C N N 5   
ALA OXT  O N N 6   
ALA H    H N N 7   
ALA H2   H N N 8   
ALA HA   H N N 9   
ALA HB1  H N N 10  
ALA HB2  H N N 11  
ALA HB3  H N N 12  
ALA HXT  H N N 13  
ASN N    N N N 14  
ASN CA   C N S 15  
ASN C    C N N 16  
ASN O    O N N 17  
ASN CB   C N N 18  
ASN CG   C N N 19  
ASN OD1  O N N 20  
ASN ND2  N N N 21  
ASN OXT  O N N 22  
ASN H    H N N 23  
ASN H2   H N N 24  
ASN HA   H N N 25  
ASN HB2  H N N 26  
ASN HB3  H N N 27  
ASN HD21 H N N 28  
ASN HD22 H N N 29  
ASN HXT  H N N 30  
ASP N    N N N 31  
ASP CA   C N S 32  
ASP C    C N N 33  
ASP O    O N N 34  
ASP CB   C N N 35  
ASP CG   C N N 36  
ASP OD1  O N N 37  
ASP OD2  O N N 38  
ASP OXT  O N N 39  
ASP H    H N N 40  
ASP H2   H N N 41  
ASP HA   H N N 42  
ASP HB2  H N N 43  
ASP HB3  H N N 44  
ASP HD2  H N N 45  
ASP HXT  H N N 46  
GLY N    N N N 47  
GLY CA   C N N 48  
GLY C    C N N 49  
GLY O    O N N 50  
GLY OXT  O N N 51  
GLY H    H N N 52  
GLY H2   H N N 53  
GLY HA2  H N N 54  
GLY HA3  H N N 55  
GLY HXT  H N N 56  
ILE N    N N N 57  
ILE CA   C N S 58  
ILE C    C N N 59  
ILE O    O N N 60  
ILE CB   C N S 61  
ILE CG1  C N N 62  
ILE CG2  C N N 63  
ILE CD1  C N N 64  
ILE OXT  O N N 65  
ILE H    H N N 66  
ILE H2   H N N 67  
ILE HA   H N N 68  
ILE HB   H N N 69  
ILE HG12 H N N 70  
ILE HG13 H N N 71  
ILE HG21 H N N 72  
ILE HG22 H N N 73  
ILE HG23 H N N 74  
ILE HD11 H N N 75  
ILE HD12 H N N 76  
ILE HD13 H N N 77  
ILE HXT  H N N 78  
LYS N    N N N 79  
LYS CA   C N S 80  
LYS C    C N N 81  
LYS O    O N N 82  
LYS CB   C N N 83  
LYS CG   C N N 84  
LYS CD   C N N 85  
LYS CE   C N N 86  
LYS NZ   N N N 87  
LYS OXT  O N N 88  
LYS H    H N N 89  
LYS H2   H N N 90  
LYS HA   H N N 91  
LYS HB2  H N N 92  
LYS HB3  H N N 93  
LYS HG2  H N N 94  
LYS HG3  H N N 95  
LYS HD2  H N N 96  
LYS HD3  H N N 97  
LYS HE2  H N N 98  
LYS HE3  H N N 99  
LYS HZ1  H N N 100 
LYS HZ2  H N N 101 
LYS HZ3  H N N 102 
LYS HXT  H N N 103 
PRO N    N N N 104 
PRO CA   C N S 105 
PRO C    C N N 106 
PRO O    O N N 107 
PRO CB   C N N 108 
PRO CG   C N N 109 
PRO CD   C N N 110 
PRO OXT  O N N 111 
PRO H    H N N 112 
PRO HA   H N N 113 
PRO HB2  H N N 114 
PRO HB3  H N N 115 
PRO HG2  H N N 116 
PRO HG3  H N N 117 
PRO HD2  H N N 118 
PRO HD3  H N N 119 
PRO HXT  H N N 120 
TRP N    N N N 121 
TRP CA   C N S 122 
TRP C    C N N 123 
TRP O    O N N 124 
TRP CB   C N N 125 
TRP CG   C Y N 126 
TRP CD1  C Y N 127 
TRP CD2  C Y N 128 
TRP NE1  N Y N 129 
TRP CE2  C Y N 130 
TRP CE3  C Y N 131 
TRP CZ2  C Y N 132 
TRP CZ3  C Y N 133 
TRP CH2  C Y N 134 
TRP OXT  O N N 135 
TRP H    H N N 136 
TRP H2   H N N 137 
TRP HA   H N N 138 
TRP HB2  H N N 139 
TRP HB3  H N N 140 
TRP HD1  H N N 141 
TRP HE1  H N N 142 
TRP HE3  H N N 143 
TRP HZ2  H N N 144 
TRP HZ3  H N N 145 
TRP HH2  H N N 146 
TRP HXT  H N N 147 
TYR N    N N N 148 
TYR CA   C N S 149 
TYR C    C N N 150 
TYR O    O N N 151 
TYR CB   C N N 152 
TYR CG   C Y N 153 
TYR CD1  C Y N 154 
TYR CD2  C Y N 155 
TYR CE1  C Y N 156 
TYR CE2  C Y N 157 
TYR CZ   C Y N 158 
TYR OH   O N N 159 
TYR OXT  O N N 160 
TYR H    H N N 161 
TYR H2   H N N 162 
TYR HA   H N N 163 
TYR HB2  H N N 164 
TYR HB3  H N N 165 
TYR HD1  H N N 166 
TYR HD2  H N N 167 
TYR HE1  H N N 168 
TYR HE2  H N N 169 
TYR HH   H N N 170 
TYR HXT  H N N 171 
# 
loop_
_chem_comp_bond.comp_id 
_chem_comp_bond.atom_id_1 
_chem_comp_bond.atom_id_2 
_chem_comp_bond.value_order 
_chem_comp_bond.pdbx_aromatic_flag 
_chem_comp_bond.pdbx_stereo_config 
_chem_comp_bond.pdbx_ordinal 
ALA N   CA   sing N N 1   
ALA N   H    sing N N 2   
ALA N   H2   sing N N 3   
ALA CA  C    sing N N 4   
ALA CA  CB   sing N N 5   
ALA CA  HA   sing N N 6   
ALA C   O    doub N N 7   
ALA C   OXT  sing N N 8   
ALA CB  HB1  sing N N 9   
ALA CB  HB2  sing N N 10  
ALA CB  HB3  sing N N 11  
ALA OXT HXT  sing N N 12  
ASN N   CA   sing N N 13  
ASN N   H    sing N N 14  
ASN N   H2   sing N N 15  
ASN CA  C    sing N N 16  
ASN CA  CB   sing N N 17  
ASN CA  HA   sing N N 18  
ASN C   O    doub N N 19  
ASN C   OXT  sing N N 20  
ASN CB  CG   sing N N 21  
ASN CB  HB2  sing N N 22  
ASN CB  HB3  sing N N 23  
ASN CG  OD1  doub N N 24  
ASN CG  ND2  sing N N 25  
ASN ND2 HD21 sing N N 26  
ASN ND2 HD22 sing N N 27  
ASN OXT HXT  sing N N 28  
ASP N   CA   sing N N 29  
ASP N   H    sing N N 30  
ASP N   H2   sing N N 31  
ASP CA  C    sing N N 32  
ASP CA  CB   sing N N 33  
ASP CA  HA   sing N N 34  
ASP C   O    doub N N 35  
ASP C   OXT  sing N N 36  
ASP CB  CG   sing N N 37  
ASP CB  HB2  sing N N 38  
ASP CB  HB3  sing N N 39  
ASP CG  OD1  doub N N 40  
ASP CG  OD2  sing N N 41  
ASP OD2 HD2  sing N N 42  
ASP OXT HXT  sing N N 43  
GLY N   CA   sing N N 44  
GLY N   H    sing N N 45  
GLY N   H2   sing N N 46  
GLY CA  C    sing N N 47  
GLY CA  HA2  sing N N 48  
GLY CA  HA3  sing N N 49  
GLY C   O    doub N N 50  
GLY C   OXT  sing N N 51  
GLY OXT HXT  sing N N 52  
ILE N   CA   sing N N 53  
ILE N   H    sing N N 54  
ILE N   H2   sing N N 55  
ILE CA  C    sing N N 56  
ILE CA  CB   sing N N 57  
ILE CA  HA   sing N N 58  
ILE C   O    doub N N 59  
ILE C   OXT  sing N N 60  
ILE CB  CG1  sing N N 61  
ILE CB  CG2  sing N N 62  
ILE CB  HB   sing N N 63  
ILE CG1 CD1  sing N N 64  
ILE CG1 HG12 sing N N 65  
ILE CG1 HG13 sing N N 66  
ILE CG2 HG21 sing N N 67  
ILE CG2 HG22 sing N N 68  
ILE CG2 HG23 sing N N 69  
ILE CD1 HD11 sing N N 70  
ILE CD1 HD12 sing N N 71  
ILE CD1 HD13 sing N N 72  
ILE OXT HXT  sing N N 73  
LYS N   CA   sing N N 74  
LYS N   H    sing N N 75  
LYS N   H2   sing N N 76  
LYS CA  C    sing N N 77  
LYS CA  CB   sing N N 78  
LYS CA  HA   sing N N 79  
LYS C   O    doub N N 80  
LYS C   OXT  sing N N 81  
LYS CB  CG   sing N N 82  
LYS CB  HB2  sing N N 83  
LYS CB  HB3  sing N N 84  
LYS CG  CD   sing N N 85  
LYS CG  HG2  sing N N 86  
LYS CG  HG3  sing N N 87  
LYS CD  CE   sing N N 88  
LYS CD  HD2  sing N N 89  
LYS CD  HD3  sing N N 90  
LYS CE  NZ   sing N N 91  
LYS CE  HE2  sing N N 92  
LYS CE  HE3  sing N N 93  
LYS NZ  HZ1  sing N N 94  
LYS NZ  HZ2  sing N N 95  
LYS NZ  HZ3  sing N N 96  
LYS OXT HXT  sing N N 97  
PRO N   CA   sing N N 98  
PRO N   CD   sing N N 99  
PRO N   H    sing N N 100 
PRO CA  C    sing N N 101 
PRO CA  CB   sing N N 102 
PRO CA  HA   sing N N 103 
PRO C   O    doub N N 104 
PRO C   OXT  sing N N 105 
PRO CB  CG   sing N N 106 
PRO CB  HB2  sing N N 107 
PRO CB  HB3  sing N N 108 
PRO CG  CD   sing N N 109 
PRO CG  HG2  sing N N 110 
PRO CG  HG3  sing N N 111 
PRO CD  HD2  sing N N 112 
PRO CD  HD3  sing N N 113 
PRO OXT HXT  sing N N 114 
TRP N   CA   sing N N 115 
TRP N   H    sing N N 116 
TRP N   H2   sing N N 117 
TRP CA  C    sing N N 118 
TRP CA  CB   sing N N 119 
TRP CA  HA   sing N N 120 
TRP C   O    doub N N 121 
TRP C   OXT  sing N N 122 
TRP CB  CG   sing N N 123 
TRP CB  HB2  sing N N 124 
TRP CB  HB3  sing N N 125 
TRP CG  CD1  doub Y N 126 
TRP CG  CD2  sing Y N 127 
TRP CD1 NE1  sing Y N 128 
TRP CD1 HD1  sing N N 129 
TRP CD2 CE2  doub Y N 130 
TRP CD2 CE3  sing Y N 131 
TRP NE1 CE2  sing Y N 132 
TRP NE1 HE1  sing N N 133 
TRP CE2 CZ2  sing Y N 134 
TRP CE3 CZ3  doub Y N 135 
TRP CE3 HE3  sing N N 136 
TRP CZ2 CH2  doub Y N 137 
TRP CZ2 HZ2  sing N N 138 
TRP CZ3 CH2  sing Y N 139 
TRP CZ3 HZ3  sing N N 140 
TRP CH2 HH2  sing N N 141 
TRP OXT HXT  sing N N 142 
TYR N   CA   sing N N 143 
TYR N   H    sing N N 144 
TYR N   H2   sing N N 145 
TYR CA  C    sing N N 146 
TYR CA  CB   sing N N 147 
TYR CA  HA   sing N N 148 
TYR C   O    doub N N 149 
TYR C   OXT  sing N N 150 
TYR CB  CG   sing N N 151 
TYR CB  HB2  sing N N 152 
TYR CB  HB3  sing N N 153 
TYR CG  CD1  doub Y N 154 
TYR CG  CD2  sing Y N 155 
TYR CD1 CE1  sing Y N 156 
TYR CD1 HD1  sing N N 157 
TYR CD2 CE2  doub Y N 158 
TYR CD2 HD2  sing N N 159 
TYR CE1 CZ   doub Y N 160 
TYR CE1 HE1  sing N N 161 
TYR CE2 CZ   sing Y N 162 
TYR CE2 HE2  sing N N 163 
TYR CZ  OH   sing N N 164 
TYR OH  HH   sing N N 165 
TYR OXT HXT  sing N N 166 
# 
_atom_sites.entry_id                    1TOR 
_atom_sites.fract_transf_matrix[1][1]   1.000000 
_atom_sites.fract_transf_matrix[1][2]   0.000000 
_atom_sites.fract_transf_matrix[1][3]   0.000000 
_atom_sites.fract_transf_matrix[2][1]   0.000000 
_atom_sites.fract_transf_matrix[2][2]   1.000000 
_atom_sites.fract_transf_matrix[2][3]   0.000000 
_atom_sites.fract_transf_matrix[3][1]   0.000000 
_atom_sites.fract_transf_matrix[3][2]   0.000000 
_atom_sites.fract_transf_matrix[3][3]   1.000000 
_atom_sites.fract_transf_vector[1]      0.00000 
_atom_sites.fract_transf_vector[2]      0.00000 
_atom_sites.fract_transf_vector[3]      0.00000 
# 
loop_
_atom_type.symbol 
C 
H 
N 
O 
# 
loop_
_atom_site.group_PDB 
_atom_site.id 
_atom_site.type_symbol 
_atom_site.label_atom_id 
_atom_site.label_alt_id 
_atom_site.label_comp_id 
_atom_site.label_asym_id 
_atom_site.label_entity_id 
_atom_site.label_seq_id 
_atom_site.pdbx_PDB_ins_code 
_atom_site.Cartn_x 
_atom_site.Cartn_y 
_atom_site.Cartn_z 
_atom_site.occupancy 
_atom_site.B_iso_or_equiv 
_atom_site.pdbx_formal_charge 
_atom_site.auth_seq_id 
_atom_site.auth_comp_id 
_atom_site.auth_asym_id 
_atom_site.auth_atom_id 
_atom_site.pdbx_PDB_model_num 
ATOM 1   N N    . TRP A 1 1  ? -4.748 -2.646 3.062  1.00 0.00 ? 1  TRP A N    1 
ATOM 2   C CA   . TRP A 1 1  ? -3.431 -3.321 3.104  1.00 0.00 ? 1  TRP A CA   1 
ATOM 3   C C    . TRP A 1 1  ? -2.877 -3.681 1.706  1.00 0.00 ? 1  TRP A C    1 
ATOM 4   O O    . TRP A 1 1  ? -1.669 -3.864 1.549  1.00 0.00 ? 1  TRP A O    1 
ATOM 5   C CB   . TRP A 1 1  ? -3.543 -4.564 4.002  1.00 0.00 ? 1  TRP A CB   1 
ATOM 6   C CG   . TRP A 1 1  ? -2.181 -5.074 4.453  1.00 0.00 ? 1  TRP A CG   1 
ATOM 7   C CD1  . TRP A 1 1  ? -1.419 -6.094 3.864  1.00 0.00 ? 1  TRP A CD1  1 
ATOM 8   C CD2  . TRP A 1 1  ? -1.439 -4.623 5.524  1.00 0.00 ? 1  TRP A CD2  1 
ATOM 9   N NE1  . TRP A 1 1  ? -0.211 -6.281 4.554  1.00 0.00 ? 1  TRP A NE1  1 
ATOM 10  C CE2  . TRP A 1 1  ? -0.264 -5.348 5.578  1.00 0.00 ? 1  TRP A CE2  1 
ATOM 11  C CE3  . TRP A 1 1  ? -1.711 -3.639 6.441  1.00 0.00 ? 1  TRP A CE3  1 
ATOM 12  C CZ2  . TRP A 1 1  ? 0.662  -5.097 6.559  1.00 0.00 ? 1  TRP A CZ2  1 
ATOM 13  C CZ3  . TRP A 1 1  ? -0.783 -3.398 7.417  1.00 0.00 ? 1  TRP A CZ3  1 
ATOM 14  C CH2  . TRP A 1 1  ? 0.387  -4.117 7.476  1.00 0.00 ? 1  TRP A CH2  1 
ATOM 15  H H1   . TRP A 1 1  ? -4.687 -1.811 2.463  1.00 0.00 ? 1  TRP A H1   1 
ATOM 16  H H2   . TRP A 1 1  ? -5.453 -3.291 2.680  1.00 0.00 ? 1  TRP A H2   1 
ATOM 17  H H3   . TRP A 1 1  ? -5.020 -2.365 4.015  1.00 0.00 ? 1  TRP A H3   1 
ATOM 18  H HA   . TRP A 1 1  ? -2.728 -2.614 3.579  1.00 0.00 ? 1  TRP A HA   1 
ATOM 19  H HB2  . TRP A 1 1  ? -4.132 -4.311 4.903  1.00 0.00 ? 1  TRP A HB2  1 
ATOM 20  H HB3  . TRP A 1 1  ? -4.116 -5.357 3.486  1.00 0.00 ? 1  TRP A HB3  1 
ATOM 21  H HD1  . TRP A 1 1  ? -1.717 -6.658 2.993  1.00 0.00 ? 1  TRP A HD1  1 
ATOM 22  H HE1  . TRP A 1 1  ? 0.539  -6.950 4.347  1.00 0.00 ? 1  TRP A HE1  1 
ATOM 23  H HE3  . TRP A 1 1  ? -2.630 -3.072 6.398  1.00 0.00 ? 1  TRP A HE3  1 
ATOM 24  H HZ2  . TRP A 1 1  ? 1.584  -5.656 6.610  1.00 0.00 ? 1  TRP A HZ2  1 
ATOM 25  H HZ3  . TRP A 1 1  ? -0.973 -2.630 8.151  1.00 0.00 ? 1  TRP A HZ3  1 
ATOM 26  H HH2  . TRP A 1 1  ? 1.102  -3.903 8.257  1.00 0.00 ? 1  TRP A HH2  1 
ATOM 27  N N    . ASN A 1 2  ? -3.750 -3.767 0.697  1.00 0.00 ? 2  ASN A N    1 
ATOM 28  C CA   . ASN A 1 2  ? -3.350 -4.065 -0.697 1.00 0.00 ? 2  ASN A CA   1 
ATOM 29  C C    . ASN A 1 2  ? -2.187 -3.182 -1.223 1.00 0.00 ? 2  ASN A C    1 
ATOM 30  O O    . ASN A 1 2  ? -1.938 -2.109 -0.668 1.00 0.00 ? 2  ASN A O    1 
ATOM 31  C CB   . ASN A 1 2  ? -4.625 -3.921 -1.567 1.00 0.00 ? 2  ASN A CB   1 
ATOM 32  C CG   . ASN A 1 2  ? -5.229 -2.511 -1.618 1.00 0.00 ? 2  ASN A CG   1 
ATOM 33  O OD1  . ASN A 1 2  ? -4.762 -1.634 -2.343 1.00 0.00 ? 2  ASN A OD1  1 
ATOM 34  N ND2  . ASN A 1 2  ? -6.292 -2.281 -0.866 1.00 0.00 ? 2  ASN A ND2  1 
ATOM 35  H H    . ASN A 1 2  ? -4.727 -3.616 0.970  1.00 0.00 ? 2  ASN A H    1 
ATOM 36  H HA   . ASN A 1 2  ? -3.016 -5.119 -0.725 1.00 0.00 ? 2  ASN A HA   1 
ATOM 37  H HB2  . ASN A 1 2  ? -4.422 -4.229 -2.607 1.00 0.00 ? 2  ASN A HB2  1 
ATOM 38  H HB3  . ASN A 1 2  ? -5.394 -4.634 -1.215 1.00 0.00 ? 2  ASN A HB3  1 
ATOM 39  H HD21 . ASN A 1 2  ? -6.629 -3.063 -0.295 1.00 0.00 ? 2  ASN A HD21 1 
ATOM 40  H HD22 . ASN A 1 2  ? -6.694 -1.338 -0.916 1.00 0.00 ? 2  ASN A HD22 1 
ATOM 41  N N    . PRO A 1 3  ? -1.445 -3.580 -2.274 1.00 0.00 ? 3  PRO A N    1 
ATOM 42  C CA   . PRO A 1 3  ? -0.306 -2.790 -2.787 1.00 0.00 ? 3  PRO A CA   1 
ATOM 43  C C    . PRO A 1 3  ? -0.620 -1.391 -3.357 1.00 0.00 ? 3  PRO A C    1 
ATOM 44  O O    . PRO A 1 3  ? 0.293  -0.575 -3.484 1.00 0.00 ? 3  PRO A O    1 
ATOM 45  C CB   . PRO A 1 3  ? 0.278  -3.755 -3.828 1.00 0.00 ? 3  PRO A CB   1 
ATOM 46  C CG   . PRO A 1 3  ? -0.941 -4.527 -4.321 1.00 0.00 ? 3  PRO A CG   1 
ATOM 47  C CD   . PRO A 1 3  ? -1.652 -4.835 -3.005 1.00 0.00 ? 3  PRO A CD   1 
ATOM 48  H HA   . PRO A 1 3  ? 0.430  -2.643 -1.980 1.00 0.00 ? 3  PRO A HA   1 
ATOM 49  H HB2  . PRO A 1 3  ? 0.853  -3.258 -4.628 1.00 0.00 ? 3  PRO A HB2  1 
ATOM 50  H HB3  . PRO A 1 3  ? 0.959  -4.467 -3.323 1.00 0.00 ? 3  PRO A HB3  1 
ATOM 51  H HG2  . PRO A 1 3  ? -1.570 -3.872 -4.953 1.00 0.00 ? 3  PRO A HG2  1 
ATOM 52  H HG3  . PRO A 1 3  ? -0.691 -5.427 -4.911 1.00 0.00 ? 3  PRO A HG3  1 
ATOM 53  H HD2  . PRO A 1 3  ? -2.707 -5.108 -3.164 1.00 0.00 ? 3  PRO A HD2  1 
ATOM 54  H HD3  . PRO A 1 3  ? -1.151 -5.663 -2.469 1.00 0.00 ? 3  PRO A HD3  1 
ATOM 55  N N    . ALA A 1 4  ? -1.893 -1.065 -3.582 1.00 0.00 ? 4  ALA A N    1 
ATOM 56  C CA   . ALA A 1 4  ? -2.277 0.327  -3.887 1.00 0.00 ? 4  ALA A CA   1 
ATOM 57  C C    . ALA A 1 4  ? -2.819 1.050  -2.631 1.00 0.00 ? 4  ALA A C    1 
ATOM 58  O O    . ALA A 1 4  ? -3.725 1.881  -2.715 1.00 0.00 ? 4  ALA A O    1 
ATOM 59  C CB   . ALA A 1 4  ? -3.314 0.302  -5.017 1.00 0.00 ? 4  ALA A CB   1 
ATOM 60  H H    . ALA A 1 4  ? -2.568 -1.808 -3.380 1.00 0.00 ? 4  ALA A H    1 
ATOM 61  H HA   . ALA A 1 4  ? -1.396 0.888  -4.246 1.00 0.00 ? 4  ALA A HA   1 
ATOM 62  H HB1  . ALA A 1 4  ? -2.913 -0.191 -5.922 1.00 0.00 ? 4  ALA A HB1  1 
ATOM 63  H HB2  . ALA A 1 4  ? -4.231 -0.241 -4.720 1.00 0.00 ? 4  ALA A HB2  1 
ATOM 64  H HB3  . ALA A 1 4  ? -3.615 1.324  -5.309 1.00 0.00 ? 4  ALA A HB3  1 
ATOM 65  N N    . ASP A 1 5  ? -2.238 0.758  -1.463 1.00 0.00 ? 5  ASP A N    1 
ATOM 66  C CA   . ASP A 1 5  ? -2.652 1.392  -0.202 1.00 0.00 ? 5  ASP A CA   1 
ATOM 67  C C    . ASP A 1 5  ? -1.431 1.334  0.731  1.00 0.00 ? 5  ASP A C    1 
ATOM 68  O O    . ASP A 1 5  ? -0.560 2.204  0.672  1.00 0.00 ? 5  ASP A O    1 
ATOM 69  C CB   . ASP A 1 5  ? -3.944 0.739  0.331  1.00 0.00 ? 5  ASP A CB   1 
ATOM 70  C CG   . ASP A 1 5  ? -4.457 1.386  1.615  1.00 0.00 ? 5  ASP A CG   1 
ATOM 71  O OD1  . ASP A 1 5  ? -5.038 2.490  1.544  1.00 0.00 ? 5  ASP A OD1  1 
ATOM 72  O OD2  . ASP A 1 5  ? -4.286 0.789  2.702  1.00 0.00 ? 5  ASP A OD2  1 
ATOM 73  H H    . ASP A 1 5  ? -1.501 0.045  -1.503 1.00 0.00 ? 5  ASP A H    1 
ATOM 74  H HA   . ASP A 1 5  ? -2.868 2.455  -0.381 1.00 0.00 ? 5  ASP A HA   1 
ATOM 75  H HB2  . ASP A 1 5  ? -4.740 0.814  -0.433 1.00 0.00 ? 5  ASP A HB2  1 
ATOM 76  H HB3  . ASP A 1 5  ? -3.789 -0.343 0.500  1.00 0.00 ? 5  ASP A HB3  1 
ATOM 77  N N    . TYR A 1 6  ? -1.332 0.286  1.546  1.00 0.00 ? 6  TYR A N    1 
ATOM 78  C CA   . TYR A 1 6  ? -0.179 0.129  2.455  1.00 0.00 ? 6  TYR A CA   1 
ATOM 79  C C    . TYR A 1 6  ? 1.134  -0.112 1.691  1.00 0.00 ? 6  TYR A C    1 
ATOM 80  O O    . TYR A 1 6  ? 2.127  0.571  1.942  1.00 0.00 ? 6  TYR A O    1 
ATOM 81  C CB   . TYR A 1 6  ? -0.471 -0.982 3.481  1.00 0.00 ? 6  TYR A CB   1 
ATOM 82  C CG   . TYR A 1 6  ? 0.603  -1.101 4.556  1.00 0.00 ? 6  TYR A CG   1 
ATOM 83  C CD1  . TYR A 1 6  ? 0.571  -0.280 5.650  1.00 0.00 ? 6  TYR A CD1  1 
ATOM 84  C CD2  . TYR A 1 6  ? 1.605  -2.024 4.434  1.00 0.00 ? 6  TYR A CD2  1 
ATOM 85  C CE1  . TYR A 1 6  ? 1.534  -0.381 6.610  1.00 0.00 ? 6  TYR A CE1  1 
ATOM 86  C CE2  . TYR A 1 6  ? 2.568  -2.122 5.395  1.00 0.00 ? 6  TYR A CE2  1 
ATOM 87  C CZ   . TYR A 1 6  ? 2.533  -1.300 6.483  1.00 0.00 ? 6  TYR A CZ   1 
ATOM 88  O OH   . TYR A 1 6  ? 3.501  -1.400 7.448  1.00 0.00 ? 6  TYR A OH   1 
ATOM 89  H H    . TYR A 1 6  ? -2.124 -0.360 1.483  1.00 0.00 ? 6  TYR A H    1 
ATOM 90  H HA   . TYR A 1 6  ? -0.065 1.072  3.013  1.00 0.00 ? 6  TYR A HA   1 
ATOM 91  H HB2  . TYR A 1 6  ? -1.442 -0.779 3.969  1.00 0.00 ? 6  TYR A HB2  1 
ATOM 92  H HB3  . TYR A 1 6  ? -0.595 -1.951 2.962  1.00 0.00 ? 6  TYR A HB3  1 
ATOM 93  H HD1  . TYR A 1 6  ? -0.215 0.453  5.756  1.00 0.00 ? 6  TYR A HD1  1 
ATOM 94  H HD2  . TYR A 1 6  ? 1.640  -2.676 3.574  1.00 0.00 ? 6  TYR A HD2  1 
ATOM 95  H HE1  . TYR A 1 6  ? 1.505  0.271  7.471  1.00 0.00 ? 6  TYR A HE1  1 
ATOM 96  H HE2  . TYR A 1 6  ? 3.358  -2.850 5.291  1.00 0.00 ? 6  TYR A HE2  1 
ATOM 97  H HH   . TYR A 1 6  ? 4.120  -2.090 7.199  1.00 0.00 ? 6  TYR A HH   1 
ATOM 98  N N    . GLY A 1 7  ? 1.137  -1.046 0.742  1.00 0.00 ? 7  GLY A N    1 
ATOM 99  C CA   . GLY A 1 7  ? 2.341  -1.294 -0.071 1.00 0.00 ? 7  GLY A CA   1 
ATOM 100 C C    . GLY A 1 7  ? 2.799  -0.144 -0.989 1.00 0.00 ? 7  GLY A C    1 
ATOM 101 O O    . GLY A 1 7  ? 3.917  -0.186 -1.503 1.00 0.00 ? 7  GLY A O    1 
ATOM 102 H H    . GLY A 1 7  ? 0.246  -1.536 0.613  1.00 0.00 ? 7  GLY A H    1 
ATOM 103 H HA2  . GLY A 1 7  ? 3.174  -1.574 0.599  1.00 0.00 ? 7  GLY A HA2  1 
ATOM 104 H HA3  . GLY A 1 7  ? 2.162  -2.184 -0.699 1.00 0.00 ? 7  GLY A HA3  1 
ATOM 105 N N    . GLY A 1 8  ? 1.970  0.883  -1.188 1.00 0.00 ? 8  GLY A N    1 
ATOM 106 C CA   . GLY A 1 8  ? 2.370  2.036  -2.007 1.00 0.00 ? 8  GLY A CA   1 
ATOM 107 C C    . GLY A 1 8  ? 3.224  3.033  -1.231 1.00 0.00 ? 8  GLY A C    1 
ATOM 108 O O    . GLY A 1 8  ? 4.377  3.300  -1.573 1.00 0.00 ? 8  GLY A O    1 
ATOM 109 H H    . GLY A 1 8  ? 1.074  0.839  -0.688 1.00 0.00 ? 8  GLY A H    1 
ATOM 110 H HA2  . GLY A 1 8  ? 2.896  1.704  -2.923 1.00 0.00 ? 8  GLY A HA2  1 
ATOM 111 H HA3  . GLY A 1 8  ? 1.462  2.573  -2.340 1.00 0.00 ? 8  GLY A HA3  1 
ATOM 112 N N    . ILE A 1 9  ? 2.598  3.635  -0.226 1.00 0.00 ? 9  ILE A N    1 
ATOM 113 C CA   . ILE A 1 9  ? 3.230  4.718  0.544  1.00 0.00 ? 9  ILE A CA   1 
ATOM 114 C C    . ILE A 1 9  ? 3.961  4.190  1.798  1.00 0.00 ? 9  ILE A C    1 
ATOM 115 O O    . ILE A 1 9  ? 5.156  4.456  1.951  1.00 0.00 ? 9  ILE A O    1 
ATOM 116 C CB   . ILE A 1 9  ? 2.168  5.823  0.778  1.00 0.00 ? 9  ILE A CB   1 
ATOM 117 C CG1  . ILE A 1 9  ? 2.721  7.013  1.573  1.00 0.00 ? 9  ILE A CG1  1 
ATOM 118 C CG2  . ILE A 1 9  ? 0.884  5.325  1.463  1.00 0.00 ? 9  ILE A CG2  1 
ATOM 119 C CD1  . ILE A 1 9  ? 3.868  7.746  0.871  1.00 0.00 ? 9  ILE A CD1  1 
ATOM 120 H H    . ILE A 1 9  ? 1.636  3.322  -0.052 1.00 0.00 ? 9  ILE A H    1 
ATOM 121 H HA   . ILE A 1 9  ? 4.012  5.172  -0.092 1.00 0.00 ? 9  ILE A HA   1 
ATOM 122 H HB   . ILE A 1 9  ? 1.860  6.203  -0.215 1.00 0.00 ? 9  ILE A HB   1 
ATOM 123 H HG12 . ILE A 1 9  ? 1.898  7.726  1.752  1.00 0.00 ? 9  ILE A HG12 1 
ATOM 124 H HG13 . ILE A 1 9  ? 3.054  6.666  2.567  1.00 0.00 ? 9  ILE A HG13 1 
ATOM 125 H HG21 . ILE A 1 9  ? 0.389  4.536  0.871  1.00 0.00 ? 9  ILE A HG21 1 
ATOM 126 H HG22 . ILE A 1 9  ? 1.080  4.908  2.464  1.00 0.00 ? 9  ILE A HG22 1 
ATOM 127 H HG23 . ILE A 1 9  ? 0.150  6.143  1.583  1.00 0.00 ? 9  ILE A HG23 1 
ATOM 128 H HD11 . ILE A 1 9  ? 3.558  8.124  -0.120 1.00 0.00 ? 9  ILE A HD11 1 
ATOM 129 H HD12 . ILE A 1 9  ? 4.204  8.615  1.466  1.00 0.00 ? 9  ILE A HD12 1 
ATOM 130 H HD13 . ILE A 1 9  ? 4.745  7.091  0.722  1.00 0.00 ? 9  ILE A HD13 1 
ATOM 131 N N    . LYS A 1 10 ? 3.293  3.448  2.685  1.00 0.00 ? 10 LYS A N    1 
ATOM 132 C CA   . LYS A 1 10 ? 3.969  2.906  3.880  1.00 0.00 ? 10 LYS A CA   1 
ATOM 133 C C    . LYS A 1 10 ? 4.626  1.568  3.510  1.00 0.00 ? 10 LYS A C    1 
ATOM 134 O O    . LYS A 1 10 ? 5.726  1.591  2.876  1.00 0.00 ? 10 LYS A O    1 
ATOM 135 C CB   . LYS A 1 10 ? 2.993  2.744  5.064  1.00 0.00 ? 10 LYS A CB   1 
ATOM 136 C CG   . LYS A 1 10 ? 2.634  4.031  5.825  1.00 0.00 ? 10 LYS A CG   1 
ATOM 137 C CD   . LYS A 1 10 ? 1.854  5.075  5.015  1.00 0.00 ? 10 LYS A CD   1 
ATOM 138 C CE   . LYS A 1 10 ? 1.414  6.283  5.853  1.00 0.00 ? 10 LYS A CE   1 
ATOM 139 N NZ   . LYS A 1 10 ? 2.563  7.050  6.364  1.00 0.00 ? 10 LYS A NZ   1 
ATOM 140 O OXT  . LYS A 1 10 ? 4.074  0.477  3.857  1.00 0.00 ? 10 LYS A OXT  1 
ATOM 141 H H    . LYS A 1 10 ? 2.305  3.275  2.473  1.00 0.00 ? 10 LYS A H    1 
ATOM 142 H HA   . LYS A 1 10 ? 4.775  3.593  4.194  1.00 0.00 ? 10 LYS A HA   1 
ATOM 143 H HB2  . LYS A 1 10 ? 2.077  2.218  4.736  1.00 0.00 ? 10 LYS A HB2  1 
ATOM 144 H HB3  . LYS A 1 10 ? 3.465  2.072  5.804  1.00 0.00 ? 10 LYS A HB3  1 
ATOM 145 H HG2  . LYS A 1 10 ? 2.032  3.748  6.707  1.00 0.00 ? 10 LYS A HG2  1 
ATOM 146 H HG3  . LYS A 1 10 ? 3.558  4.486  6.226  1.00 0.00 ? 10 LYS A HG3  1 
ATOM 147 H HD2  . LYS A 1 10 ? 2.460  5.429  4.163  1.00 0.00 ? 10 LYS A HD2  1 
ATOM 148 H HD3  . LYS A 1 10 ? 0.955  4.603  4.583  1.00 0.00 ? 10 LYS A HD3  1 
ATOM 149 H HE2  . LYS A 1 10 ? 0.785  6.950  5.235  1.00 0.00 ? 10 LYS A HE2  1 
ATOM 150 H HE3  . LYS A 1 10 ? 0.780  5.953  6.697  1.00 0.00 ? 10 LYS A HE3  1 
ATOM 151 H HZ1  . LYS A 1 10 ? 3.154  7.401  5.602  1.00 0.00 ? 10 LYS A HZ1  1 
ATOM 152 H HZ2  . LYS A 1 10 ? 2.261  7.862  6.913  1.00 0.00 ? 10 LYS A HZ2  1 
ATOM 153 H HZ3  . LYS A 1 10 ? 3.159  6.478  6.971  1.00 0.00 ? 10 LYS A HZ3  1 
ATOM 154 N N    . TRP A 1 1  ? -5.118 -3.152 3.808  1.00 0.00 ? 1  TRP A N    2 
ATOM 155 C CA   . TRP A 1 1  ? -3.786 -3.627 3.387  1.00 0.00 ? 1  TRP A CA   2 
ATOM 156 C C    . TRP A 1 1  ? -3.891 -4.154 1.944  1.00 0.00 ? 1  TRP A C    2 
ATOM 157 O O    . TRP A 1 1  ? -4.441 -5.230 1.694  1.00 0.00 ? 1  TRP A O    2 
ATOM 158 C CB   . TRP A 1 1  ? -3.301 -4.714 4.373  1.00 0.00 ? 1  TRP A CB   2 
ATOM 159 C CG   . TRP A 1 1  ? -1.816 -5.050 4.221  1.00 0.00 ? 1  TRP A CG   2 
ATOM 160 C CD1  . TRP A 1 1  ? -1.222 -5.750 3.152  1.00 0.00 ? 1  TRP A CD1  2 
ATOM 161 C CD2  . TRP A 1 1  ? -0.815 -4.863 5.145  1.00 0.00 ? 1  TRP A CD2  2 
ATOM 162 N NE1  . TRP A 1 1  ? 0.148  -5.982 3.401  1.00 0.00 ? 1  TRP A NE1  2 
ATOM 163 C CE2  . TRP A 1 1  ? 0.349  -5.425 4.656  1.00 0.00 ? 1  TRP A CE2  2 
ATOM 164 C CE3  . TRP A 1 1  ? -0.869 -4.319 6.416  1.00 0.00 ? 1  TRP A CE3  2 
ATOM 165 C CZ2  . TRP A 1 1  ? 1.490  -5.470 5.434  1.00 0.00 ? 1  TRP A CZ2  2 
ATOM 166 C CZ3  . TRP A 1 1  ? 0.277  -4.348 7.184  1.00 0.00 ? 1  TRP A CZ3  2 
ATOM 167 C CH2  . TRP A 1 1  ? 1.443  -4.920 6.700  1.00 0.00 ? 1  TRP A CH2  2 
ATOM 168 H H1   . TRP A 1 1  ? -5.462 -2.404 3.197  1.00 0.00 ? 1  TRP A H1   2 
ATOM 169 H H2   . TRP A 1 1  ? -5.813 -3.907 3.786  1.00 0.00 ? 1  TRP A H2   2 
ATOM 170 H H3   . TRP A 1 1  ? -5.102 -2.781 4.765  1.00 0.00 ? 1  TRP A H3   2 
ATOM 171 H HA   . TRP A 1 1  ? -3.085 -2.771 3.425  1.00 0.00 ? 1  TRP A HA   2 
ATOM 172 H HB2  . TRP A 1 1  ? -3.492 -4.381 5.409  1.00 0.00 ? 1  TRP A HB2  2 
ATOM 173 H HB3  . TRP A 1 1  ? -3.903 -5.634 4.249  1.00 0.00 ? 1  TRP A HB3  2 
ATOM 174 H HD1  . TRP A 1 1  ? -1.751 -6.116 2.284  1.00 0.00 ? 1  TRP A HD1  2 
ATOM 175 H HE1  . TRP A 1 1  ? 0.797  -6.561 2.857  1.00 0.00 ? 1  TRP A HE1  2 
ATOM 176 H HE3  . TRP A 1 1  ? -1.781 -3.892 6.807  1.00 0.00 ? 1  TRP A HE3  2 
ATOM 177 H HZ2  . TRP A 1 1  ? 2.396  -5.930 5.066  1.00 0.00 ? 1  TRP A HZ2  2 
ATOM 178 H HZ3  . TRP A 1 1  ? 0.263  -3.928 8.180  1.00 0.00 ? 1  TRP A HZ3  2 
ATOM 179 H HH2  . TRP A 1 1  ? 2.326  -4.939 7.323  1.00 0.00 ? 1  TRP A HH2  2 
ATOM 180 N N    . ASN A 1 2  ? -3.353 -3.384 0.993  1.00 0.00 ? 2  ASN A N    2 
ATOM 181 C CA   . ASN A 1 2  ? -3.360 -3.810 -0.427 1.00 0.00 ? 2  ASN A CA   2 
ATOM 182 C C    . ASN A 1 2  ? -2.195 -3.111 -1.192 1.00 0.00 ? 2  ASN A C    2 
ATOM 183 O O    . ASN A 1 2  ? -1.667 -2.103 -0.714 1.00 0.00 ? 2  ASN A O    2 
ATOM 184 C CB   . ASN A 1 2  ? -4.751 -3.551 -1.070 1.00 0.00 ? 2  ASN A CB   2 
ATOM 185 C CG   . ASN A 1 2  ? -5.177 -2.076 -1.141 1.00 0.00 ? 2  ASN A CG   2 
ATOM 186 O OD1  . ASN A 1 2  ? -4.735 -1.318 -2.004 1.00 0.00 ? 2  ASN A OD1  2 
ATOM 187 N ND2  . ASN A 1 2  ? -6.072 -1.664 -0.259 1.00 0.00 ? 2  ASN A ND2  2 
ATOM 188 H H    . ASN A 1 2  ? -2.924 -2.509 1.313  1.00 0.00 ? 2  ASN A H    2 
ATOM 189 H HA   . ASN A 1 2  ? -3.172 -4.899 -0.450 1.00 0.00 ? 2  ASN A HA   2 
ATOM 190 H HB2  . ASN A 1 2  ? -4.767 -3.963 -2.095 1.00 0.00 ? 2  ASN A HB2  2 
ATOM 191 H HB3  . ASN A 1 2  ? -5.519 -4.132 -0.525 1.00 0.00 ? 2  ASN A HB3  2 
ATOM 192 H HD21 . ASN A 1 2  ? -6.398 -2.357 0.423  1.00 0.00 ? 2  ASN A HD21 2 
ATOM 193 H HD22 . ASN A 1 2  ? -6.356 -0.679 -0.318 1.00 0.00 ? 2  ASN A HD22 2 
ATOM 194 N N    . PRO A 1 3  ? -1.787 -3.582 -2.398 1.00 0.00 ? 3  PRO A N    2 
ATOM 195 C CA   . PRO A 1 3  ? -0.645 -2.988 -3.130 1.00 0.00 ? 3  PRO A CA   2 
ATOM 196 C C    . PRO A 1 3  ? -0.723 -1.467 -3.420 1.00 0.00 ? 3  PRO A C    2 
ATOM 197 O O    . PRO A 1 3  ? 0.295  -0.779 -3.333 1.00 0.00 ? 3  PRO A O    2 
ATOM 198 C CB   . PRO A 1 3  ? -0.604 -3.821 -4.418 1.00 0.00 ? 3  PRO A CB   2 
ATOM 199 C CG   . PRO A 1 3  ? -1.217 -5.171 -4.043 1.00 0.00 ? 3  PRO A CG   2 
ATOM 200 C CD   . PRO A 1 3  ? -2.254 -4.857 -2.962 1.00 0.00 ? 3  PRO A CD   2 
ATOM 201 H HA   . PRO A 1 3  ? 0.275  -3.186 -2.549 1.00 0.00 ? 3  PRO A HA   2 
ATOM 202 H HB2  . PRO A 1 3  ? -1.208 -3.345 -5.213 1.00 0.00 ? 3  PRO A HB2  2 
ATOM 203 H HB3  . PRO A 1 3  ? 0.425  -3.929 -4.808 1.00 0.00 ? 3  PRO A HB3  2 
ATOM 204 H HG2  . PRO A 1 3  ? -1.668 -5.679 -4.915 1.00 0.00 ? 3  PRO A HG2  2 
ATOM 205 H HG3  . PRO A 1 3  ? -0.437 -5.842 -3.637 1.00 0.00 ? 3  PRO A HG3  2 
ATOM 206 H HD2  . PRO A 1 3  ? -3.259 -4.741 -3.405 1.00 0.00 ? 3  PRO A HD2  2 
ATOM 207 H HD3  . PRO A 1 3  ? -2.295 -5.662 -2.207 1.00 0.00 ? 3  PRO A HD3  2 
ATOM 208 N N    . ALA A 1 4  ? -1.919 -0.936 -3.722 1.00 0.00 ? 4  ALA A N    2 
ATOM 209 C CA   . ALA A 1 4  ? -2.084 0.532  -3.848 1.00 0.00 ? 4  ALA A CA   2 
ATOM 210 C C    . ALA A 1 4  ? -2.603 1.188  -2.537 1.00 0.00 ? 4  ALA A C    2 
ATOM 211 O O    . ALA A 1 4  ? -3.450 2.085  -2.568 1.00 0.00 ? 4  ALA A O    2 
ATOM 212 C CB   . ALA A 1 4  ? -3.043 0.792  -5.020 1.00 0.00 ? 4  ALA A CB   2 
ATOM 213 H H    . ALA A 1 4  ? -2.709 -1.590 -3.736 1.00 0.00 ? 4  ALA A H    2 
ATOM 214 H HA   . ALA A 1 4  ? -1.113 0.998  -4.100 1.00 0.00 ? 4  ALA A HA   2 
ATOM 215 H HB1  . ALA A 1 4  ? -2.664 0.346  -5.959 1.00 0.00 ? 4  ALA A HB1  2 
ATOM 216 H HB2  . ALA A 1 4  ? -4.046 0.365  -4.830 1.00 0.00 ? 4  ALA A HB2  2 
ATOM 217 H HB3  . ALA A 1 4  ? -3.172 1.874  -5.203 1.00 0.00 ? 4  ALA A HB3  2 
ATOM 218 N N    . ASP A 1 5  ? -2.034 0.798  -1.386 1.00 0.00 ? 5  ASP A N    2 
ATOM 219 C CA   . ASP A 1 5  ? -2.397 1.428  -0.097 1.00 0.00 ? 5  ASP A CA   2 
ATOM 220 C C    . ASP A 1 5  ? -1.203 1.260  0.870  1.00 0.00 ? 5  ASP A C    2 
ATOM 221 O O    . ASP A 1 5  ? -0.468 2.217  1.118  1.00 0.00 ? 5  ASP A O    2 
ATOM 222 C CB   . ASP A 1 5  ? -3.719 0.831  0.443  1.00 0.00 ? 5  ASP A CB   2 
ATOM 223 C CG   . ASP A 1 5  ? -4.199 1.507  1.728  1.00 0.00 ? 5  ASP A CG   2 
ATOM 224 O OD1  . ASP A 1 5  ? -4.799 2.600  1.647  1.00 0.00 ? 5  ASP A OD1  2 
ATOM 225 O OD2  . ASP A 1 5  ? -3.979 0.944  2.823  1.00 0.00 ? 5  ASP A OD2  2 
ATOM 226 H H    . ASP A 1 5  ? -1.410 -0.016 -1.448 1.00 0.00 ? 5  ASP A H    2 
ATOM 227 H HA   . ASP A 1 5  ? -2.544 2.512  -0.262 1.00 0.00 ? 5  ASP A HA   2 
ATOM 228 H HB2  . ASP A 1 5  ? -4.513 0.926  -0.321 1.00 0.00 ? 5  ASP A HB2  2 
ATOM 229 H HB3  . ASP A 1 5  ? -3.605 -0.255 0.620  1.00 0.00 ? 5  ASP A HB3  2 
ATOM 230 N N    . TYR A 1 6  ? -0.979 0.040  1.380  1.00 0.00 ? 6  TYR A N    2 
ATOM 231 C CA   . TYR A 1 6  ? 0.216  -0.221 2.213  1.00 0.00 ? 6  TYR A CA   2 
ATOM 232 C C    . TYR A 1 6  ? 1.492  -0.402 1.349  1.00 0.00 ? 6  TYR A C    2 
ATOM 233 O O    . TYR A 1 6  ? 2.541  0.154  1.679  1.00 0.00 ? 6  TYR A O    2 
ATOM 234 C CB   . TYR A 1 6  ? -0.041 -1.447 3.120  1.00 0.00 ? 6  TYR A CB   2 
ATOM 235 C CG   . TYR A 1 6  ? 0.953  -1.516 4.282  1.00 0.00 ? 6  TYR A CG   2 
ATOM 236 C CD1  . TYR A 1 6  ? 2.165  -2.149 4.127  1.00 0.00 ? 6  TYR A CD1  2 
ATOM 237 C CD2  . TYR A 1 6  ? 0.653  -0.905 5.478  1.00 0.00 ? 6  TYR A CD2  2 
ATOM 238 C CE1  . TYR A 1 6  ? 3.075  -2.157 5.154  1.00 0.00 ? 6  TYR A CE1  2 
ATOM 239 C CE2  . TYR A 1 6  ? 1.562  -0.919 6.507  1.00 0.00 ? 6  TYR A CE2  2 
ATOM 240 C CZ   . TYR A 1 6  ? 2.773  -1.543 6.344  1.00 0.00 ? 6  TYR A CZ   2 
ATOM 241 O OH   . TYR A 1 6  ? 3.679  -1.558 7.372  1.00 0.00 ? 6  TYR A OH   2 
ATOM 242 H H    . TYR A 1 6  ? -1.633 -0.696 1.093  1.00 0.00 ? 6  TYR A H    2 
ATOM 243 H HA   . TYR A 1 6  ? 0.371  0.656  2.869  1.00 0.00 ? 6  TYR A HA   2 
ATOM 244 H HB2  . TYR A 1 6  ? -1.069 -1.401 3.528  1.00 0.00 ? 6  TYR A HB2  2 
ATOM 245 H HB3  . TYR A 1 6  ? -0.004 -2.380 2.526  1.00 0.00 ? 6  TYR A HB3  2 
ATOM 246 H HD1  . TYR A 1 6  ? 2.412  -2.630 3.191  1.00 0.00 ? 6  TYR A HD1  2 
ATOM 247 H HD2  . TYR A 1 6  ? -0.293 -0.399 5.609  1.00 0.00 ? 6  TYR A HD2  2 
ATOM 248 H HE1  . TYR A 1 6  ? 4.028  -2.651 5.026  1.00 0.00 ? 6  TYR A HE1  2 
ATOM 249 H HE2  . TYR A 1 6  ? 1.324  -0.434 7.443  1.00 0.00 ? 6  TYR A HE2  2 
ATOM 250 H HH   . TYR A 1 6  ? 4.460  -2.042 7.093  1.00 0.00 ? 6  TYR A HH   2 
ATOM 251 N N    . GLY A 1 7  ? 1.411  -1.165 0.248  1.00 0.00 ? 7  GLY A N    2 
ATOM 252 C CA   . GLY A 1 7  ? 2.579  -1.348 -0.641 1.00 0.00 ? 7  GLY A CA   2 
ATOM 253 C C    . GLY A 1 7  ? 3.146  -0.054 -1.269 1.00 0.00 ? 7  GLY A C    2 
ATOM 254 O O    . GLY A 1 7  ? 4.362  0.072  -1.428 1.00 0.00 ? 7  GLY A O    2 
ATOM 255 H H    . GLY A 1 7  ? 0.490  -1.575 0.054  1.00 0.00 ? 7  GLY A H    2 
ATOM 256 H HA2  . GLY A 1 7  ? 3.382  -1.861 -0.081 1.00 0.00 ? 7  GLY A HA2  2 
ATOM 257 H HA3  . GLY A 1 7  ? 2.299  -2.042 -1.455 1.00 0.00 ? 7  GLY A HA3  2 
ATOM 258 N N    . GLY A 1 8  ? 2.277  0.900  -1.634 1.00 0.00 ? 8  GLY A N    2 
ATOM 259 C CA   . GLY A 1 8  ? 2.744  2.151  -2.257 1.00 0.00 ? 8  GLY A CA   2 
ATOM 260 C C    . GLY A 1 8  ? 3.380  3.116  -1.246 1.00 0.00 ? 8  GLY A C    2 
ATOM 261 O O    . GLY A 1 8  ? 4.604  3.253  -1.193 1.00 0.00 ? 8  GLY A O    2 
ATOM 262 H H    . GLY A 1 8  ? 1.287  0.696  -1.459 1.00 0.00 ? 8  GLY A H    2 
ATOM 263 H HA2  . GLY A 1 8  ? 3.469  1.923  -3.060 1.00 0.00 ? 8  GLY A HA2  2 
ATOM 264 H HA3  . GLY A 1 8  ? 1.891  2.646  -2.758 1.00 0.00 ? 8  GLY A HA3  2 
ATOM 265 N N    . ILE A 1 9  ? 2.542  3.823  -0.476 1.00 0.00 ? 9  ILE A N    2 
ATOM 266 C CA   . ILE A 1 9  ? 3.050  4.919  0.390  1.00 0.00 ? 9  ILE A CA   2 
ATOM 267 C C    . ILE A 1 9  ? 3.710  4.420  1.708  1.00 0.00 ? 9  ILE A C    2 
ATOM 268 O O    . ILE A 1 9  ? 4.714  4.995  2.137  1.00 0.00 ? 9  ILE A O    2 
ATOM 269 C CB   . ILE A 1 9  ? 1.930  5.986  0.611  1.00 0.00 ? 9  ILE A CB   2 
ATOM 270 C CG1  . ILE A 1 9  ? 2.445  7.268  1.309  1.00 0.00 ? 9  ILE A CG1  2 
ATOM 271 C CG2  . ILE A 1 9  ? 0.724  5.442  1.402  1.00 0.00 ? 9  ILE A CG2  2 
ATOM 272 C CD1  . ILE A 1 9  ? 3.458  8.054  0.466  1.00 0.00 ? 9  ILE A CD1  2 
ATOM 273 H H    . ILE A 1 9  ? 1.542  3.643  -0.621 1.00 0.00 ? 9  ILE A H    2 
ATOM 274 H HA   . ILE A 1 9  ? 3.852  5.425  -0.180 1.00 0.00 ? 9  ILE A HA   2 
ATOM 275 H HB   . ILE A 1 9  ? 1.554  6.285  -0.385 1.00 0.00 ? 9  ILE A HB   2 
ATOM 276 H HG12 . ILE A 1 9  ? 1.589  7.932  1.532  1.00 0.00 ? 9  ILE A HG12 2 
ATOM 277 H HG13 . ILE A 1 9  ? 2.890  7.019  2.291  1.00 0.00 ? 9  ILE A HG13 2 
ATOM 278 H HG21 . ILE A 1 9  ? 0.287  4.557  0.911  1.00 0.00 ? 9  ILE A HG21 2 
ATOM 279 H HG22 . ILE A 1 9  ? 1.004  5.154  2.431  1.00 0.00 ? 9  ILE A HG22 2 
ATOM 280 H HG23 . ILE A 1 9  ? -0.078 6.199  1.479  1.00 0.00 ? 9  ILE A HG23 2 
ATOM 281 H HD11 . ILE A 1 9  ? 3.048  8.305  -0.529 1.00 0.00 ? 9  ILE A HD11 2 
ATOM 282 H HD12 . ILE A 1 9  ? 3.731  9.004  0.961  1.00 0.00 ? 9  ILE A HD12 2 
ATOM 283 H HD13 . ILE A 1 9  ? 4.392  7.485  0.313  1.00 0.00 ? 9  ILE A HD13 2 
ATOM 284 N N    . LYS A 1 10 ? 3.162  3.382  2.363  1.00 0.00 ? 10 LYS A N    2 
ATOM 285 C CA   . LYS A 1 10 ? 3.690  2.961  3.681  1.00 0.00 ? 10 LYS A CA   2 
ATOM 286 C C    . LYS A 1 10 ? 4.954  2.106  3.498  1.00 0.00 ? 10 LYS A C    2 
ATOM 287 O O    . LYS A 1 10 ? 6.056  2.592  3.836  1.00 0.00 ? 10 LYS A O    2 
ATOM 288 C CB   . LYS A 1 10 ? 2.624  2.179  4.485  1.00 0.00 ? 10 LYS A CB   2 
ATOM 289 C CG   . LYS A 1 10 ? 1.330  2.961  4.784  1.00 0.00 ? 10 LYS A CG   2 
ATOM 290 C CD   . LYS A 1 10 ? 1.561  4.178  5.696  1.00 0.00 ? 10 LYS A CD   2 
ATOM 291 C CE   . LYS A 1 10 ? 0.239  4.881  6.030  1.00 0.00 ? 10 LYS A CE   2 
ATOM 292 N NZ   . LYS A 1 10 ? 0.484  6.047  6.894  1.00 0.00 ? 10 LYS A NZ   2 
ATOM 293 O OXT  . LYS A 1 10 ? 4.856  0.956  3.014  1.00 0.00 ? 10 LYS A OXT  2 
ATOM 294 H H    . LYS A 1 10 ? 2.318  2.979  1.942  1.00 0.00 ? 10 LYS A H    2 
ATOM 295 H HA   . LYS A 1 10 ? 3.969  3.861  4.262  1.00 0.00 ? 10 LYS A HA   2 
ATOM 296 H HB2  . LYS A 1 10 ? 2.362  1.253  3.943  1.00 0.00 ? 10 LYS A HB2  2 
ATOM 297 H HB3  . LYS A 1 10 ? 3.065  1.837  5.441  1.00 0.00 ? 10 LYS A HB3  2 
ATOM 298 H HG2  . LYS A 1 10 ? 0.856  3.282  3.838  1.00 0.00 ? 10 LYS A HG2  2 
ATOM 299 H HG3  . LYS A 1 10 ? 0.605  2.279  5.263  1.00 0.00 ? 10 LYS A HG3  2 
ATOM 300 H HD2  . LYS A 1 10 ? 2.063  3.857  6.627  1.00 0.00 ? 10 LYS A HD2  2 
ATOM 301 H HD3  . LYS A 1 10 ? 2.247  4.892  5.204  1.00 0.00 ? 10 LYS A HD3  2 
ATOM 302 H HE2  . LYS A 1 10 ? -0.268 5.207  5.104  1.00 0.00 ? 10 LYS A HE2  2 
ATOM 303 H HE3  . LYS A 1 10 ? -0.450 4.182  6.540  1.00 0.00 ? 10 LYS A HE3  2 
ATOM 304 H HZ1  . LYS A 1 10 ? 0.934  5.777  7.776  1.00 0.00 ? 10 LYS A HZ1  2 
ATOM 305 H HZ2  . LYS A 1 10 ? 1.096  6.733  6.439  1.00 0.00 ? 10 LYS A HZ2  2 
ATOM 306 H HZ3  . LYS A 1 10 ? -0.389 6.531  7.133  1.00 0.00 ? 10 LYS A HZ3  2 
ATOM 307 N N    . TRP A 1 1  ? -4.088 -3.557 2.960  1.00 0.00 ? 1  TRP A N    3 
ATOM 308 C CA   . TRP A 1 1  ? -2.630 -3.734 3.121  1.00 0.00 ? 1  TRP A CA   3 
ATOM 309 C C    . TRP A 1 1  ? -1.895 -3.861 1.769  1.00 0.00 ? 1  TRP A C    3 
ATOM 310 O O    . TRP A 1 1  ? -0.711 -3.537 1.672  1.00 0.00 ? 1  TRP A O    3 
ATOM 311 C CB   . TRP A 1 1  ? -2.382 -4.947 4.032  1.00 0.00 ? 1  TRP A CB   3 
ATOM 312 C CG   . TRP A 1 1  ? -1.013 -4.903 4.691  1.00 0.00 ? 1  TRP A CG   3 
ATOM 313 C CD1  . TRP A 1 1  ? 0.147  -5.563 4.258  1.00 0.00 ? 1  TRP A CD1  3 
ATOM 314 C CD2  . TRP A 1 1  ? -0.661 -4.238 5.839  1.00 0.00 ? 1  TRP A CD2  3 
ATOM 315 N NE1  . TRP A 1 1  ? 1.219  -5.302 5.132  1.00 0.00 ? 1  TRP A NE1  3 
ATOM 316 C CE2  . TRP A 1 1  ? 0.666  -4.474 6.096  1.00 0.00 ? 1  TRP A CE2  3 
ATOM 317 C CE3  . TRP A 1 1  ? -1.415 -3.458 6.664  1.00 0.00 ? 1  TRP A CE3  3 
ATOM 318 C CZ2  . TRP A 1 1  ? 1.272  -3.927 7.186  1.00 0.00 ? 1  TRP A CZ2  3 
ATOM 319 C CZ3  . TRP A 1 1  ? -0.805 -2.911 7.757  1.00 0.00 ? 1  TRP A CZ3  3 
ATOM 320 C CH2  . TRP A 1 1  ? 0.523  -3.140 8.014  1.00 0.00 ? 1  TRP A CH2  3 
ATOM 321 H H1   . TRP A 1 1  ? -4.517 -4.348 2.468  1.00 0.00 ? 1  TRP A H1   3 
ATOM 322 H H2   . TRP A 1 1  ? -4.556 -3.474 3.869  1.00 0.00 ? 1  TRP A H2   3 
ATOM 323 H H3   . TRP A 1 1  ? -4.309 -2.710 2.426  1.00 0.00 ? 1  TRP A H3   3 
ATOM 324 H HA   . TRP A 1 1  ? -2.245 -2.834 3.633  1.00 0.00 ? 1  TRP A HA   3 
ATOM 325 H HB2  . TRP A 1 1  ? -3.149 -4.973 4.830  1.00 0.00 ? 1  TRP A HB2  3 
ATOM 326 H HB3  . TRP A 1 1  ? -2.507 -5.888 3.465  1.00 0.00 ? 1  TRP A HB3  3 
ATOM 327 H HD1  . TRP A 1 1  ? 0.213  -6.190 3.382  1.00 0.00 ? 1  TRP A HD1  3 
ATOM 328 H HE1  . TRP A 1 1  ? 2.182  -5.653 5.070  1.00 0.00 ? 1  TRP A HE1  3 
ATOM 329 H HE3  . TRP A 1 1  ? -2.464 -3.279 6.467  1.00 0.00 ? 1  TRP A HE3  3 
ATOM 330 H HZ2  . TRP A 1 1  ? 2.319  -4.107 7.395  1.00 0.00 ? 1  TRP A HZ2  3 
ATOM 331 H HZ3  . TRP A 1 1  ? -1.377 -2.291 8.431  1.00 0.00 ? 1  TRP A HZ3  3 
ATOM 332 H HH2  . TRP A 1 1  ? 0.978  -2.695 8.884  1.00 0.00 ? 1  TRP A HH2  3 
ATOM 333 N N    . ASN A 1 2  ? -2.591 -4.307 0.718  1.00 0.00 ? 2  ASN A N    3 
ATOM 334 C CA   . ASN A 1 2  ? -1.964 -4.464 -0.612 1.00 0.00 ? 2  ASN A CA   3 
ATOM 335 C C    . ASN A 1 2  ? -1.544 -3.103 -1.222 1.00 0.00 ? 2  ASN A C    3 
ATOM 336 O O    . ASN A 1 2  ? -1.951 -2.056 -0.714 1.00 0.00 ? 2  ASN A O    3 
ATOM 337 C CB   . ASN A 1 2  ? -2.971 -5.233 -1.492 1.00 0.00 ? 2  ASN A CB   3 
ATOM 338 C CG   . ASN A 1 2  ? -4.221 -4.434 -1.876 1.00 0.00 ? 2  ASN A CG   3 
ATOM 339 O OD1  . ASN A 1 2  ? -4.233 -3.692 -2.856 1.00 0.00 ? 2  ASN A OD1  3 
ATOM 340 N ND2  . ASN A 1 2  ? -5.309 -4.635 -1.153 1.00 0.00 ? 2  ASN A ND2  3 
ATOM 341 H H    . ASN A 1 2  ? -3.562 -4.578 0.909  1.00 0.00 ? 2  ASN A H    3 
ATOM 342 H HA   . ASN A 1 2  ? -1.059 -5.087 -0.492 1.00 0.00 ? 2  ASN A HA   3 
ATOM 343 H HB2  . ASN A 1 2  ? -2.486 -5.574 -2.420 1.00 0.00 ? 2  ASN A HB2  3 
ATOM 344 H HB3  . ASN A 1 2  ? -3.274 -6.161 -0.974 1.00 0.00 ? 2  ASN A HB3  3 
ATOM 345 H HD21 . ASN A 1 2  ? -5.230 -5.298 -0.374 1.00 0.00 ? 2  ASN A HD21 3 
ATOM 346 H HD22 . ASN A 1 2  ? -6.152 -4.128 -1.444 1.00 0.00 ? 2  ASN A HD22 3 
ATOM 347 N N    . PRO A 1 3  ? -0.723 -3.057 -2.299 1.00 0.00 ? 3  PRO A N    3 
ATOM 348 C CA   . PRO A 1 3  ? -0.165 -1.780 -2.779 1.00 0.00 ? 3  PRO A CA   3 
ATOM 349 C C    . PRO A 1 3  ? -1.143 -0.836 -3.508 1.00 0.00 ? 3  PRO A C    3 
ATOM 350 O O    . PRO A 1 3  ? -0.719 0.188  -4.044 1.00 0.00 ? 3  PRO A O    3 
ATOM 351 C CB   . PRO A 1 3  ? 0.974  -2.240 -3.697 1.00 0.00 ? 3  PRO A CB   3 
ATOM 352 C CG   . PRO A 1 3  ? 0.649  -3.684 -4.078 1.00 0.00 ? 3  PRO A CG   3 
ATOM 353 C CD   . PRO A 1 3  ? -0.093 -4.247 -2.871 1.00 0.00 ? 3  PRO A CD   3 
ATOM 354 H HA   . PRO A 1 3  ? 0.262  -1.230 -1.923 1.00 0.00 ? 3  PRO A HA   3 
ATOM 355 H HB2  . PRO A 1 3  ? 1.089  -1.596 -4.588 1.00 0.00 ? 3  PRO A HB2  3 
ATOM 356 H HB3  . PRO A 1 3  ? 1.933  -2.212 -3.146 1.00 0.00 ? 3  PRO A HB3  3 
ATOM 357 H HG2  . PRO A 1 3  ? -0.011 -3.699 -4.965 1.00 0.00 ? 3  PRO A HG2  3 
ATOM 358 H HG3  . PRO A 1 3  ? 1.553  -4.269 -4.323 1.00 0.00 ? 3  PRO A HG3  3 
ATOM 359 H HD2  . PRO A 1 3  ? -0.824 -5.009 -3.182 1.00 0.00 ? 3  PRO A HD2  3 
ATOM 360 H HD3  . PRO A 1 3  ? 0.605  -4.698 -2.144 1.00 0.00 ? 3  PRO A HD3  3 
ATOM 361 N N    . ALA A 1 4  ? -2.453 -1.059 -3.382 1.00 0.00 ? 4  ALA A N    3 
ATOM 362 C CA   . ALA A 1 4  ? -3.428 -0.022 -3.767 1.00 0.00 ? 4  ALA A CA   3 
ATOM 363 C C    . ALA A 1 4  ? -3.499 1.122  -2.736 1.00 0.00 ? 4  ALA A C    3 
ATOM 364 O O    . ALA A 1 4  ? -3.738 2.273  -3.105 1.00 0.00 ? 4  ALA A O    3 
ATOM 365 C CB   . ALA A 1 4  ? -4.808 -0.665 -3.933 1.00 0.00 ? 4  ALA A CB   3 
ATOM 366 H H    . ALA A 1 4  ? -2.717 -1.921 -2.893 1.00 0.00 ? 4  ALA A H    3 
ATOM 367 H HA   . ALA A 1 4  ? -3.132 0.410  -4.740 1.00 0.00 ? 4  ALA A HA   3 
ATOM 368 H HB1  . ALA A 1 4  ? -4.793 -1.451 -4.710 1.00 0.00 ? 4  ALA A HB1  3 
ATOM 369 H HB2  . ALA A 1 4  ? -5.158 -1.132 -2.991 1.00 0.00 ? 4  ALA A HB2  3 
ATOM 370 H HB3  . ALA A 1 4  ? -5.564 0.083  -4.236 1.00 0.00 ? 4  ALA A HB3  3 
ATOM 371 N N    . ASP A 1 5  ? -3.319 0.815  -1.444 1.00 0.00 ? 5  ASP A N    3 
ATOM 372 C CA   . ASP A 1 5  ? -3.416 1.860  -0.407 1.00 0.00 ? 5  ASP A CA   3 
ATOM 373 C C    . ASP A 1 5  ? -2.173 1.896  0.508  1.00 0.00 ? 5  ASP A C    3 
ATOM 374 O O    . ASP A 1 5  ? -1.491 2.918  0.570  1.00 0.00 ? 5  ASP A O    3 
ATOM 375 C CB   . ASP A 1 5  ? -4.747 1.742  0.362  1.00 0.00 ? 5  ASP A CB   3 
ATOM 376 C CG   . ASP A 1 5  ? -4.951 0.446  1.150  1.00 0.00 ? 5  ASP A CG   3 
ATOM 377 O OD1  . ASP A 1 5  ? -4.705 -0.652 0.604  1.00 0.00 ? 5  ASP A OD1  3 
ATOM 378 O OD2  . ASP A 1 5  ? -5.397 0.524  2.316  1.00 0.00 ? 5  ASP A OD2  3 
ATOM 379 H H    . ASP A 1 5  ? -3.138 -0.173 -1.235 1.00 0.00 ? 5  ASP A H    3 
ATOM 380 H HA   . ASP A 1 5  ? -3.442 2.845  -0.910 1.00 0.00 ? 5  ASP A HA   3 
ATOM 381 H HB2  . ASP A 1 5  ? -4.840 2.596  1.059  1.00 0.00 ? 5  ASP A HB2  3 
ATOM 382 H HB3  . ASP A 1 5  ? -5.585 1.854  -0.351 1.00 0.00 ? 5  ASP A HB3  3 
ATOM 383 N N    . TYR A 1 6  ? -1.891 0.827  1.259  1.00 0.00 ? 6  TYR A N    3 
ATOM 384 C CA   . TYR A 1 6  ? -0.814 0.896  2.266  1.00 0.00 ? 6  TYR A CA   3 
ATOM 385 C C    . TYR A 1 6  ? 0.559  0.522  1.679  1.00 0.00 ? 6  TYR A C    3 
ATOM 386 O O    . TYR A 1 6  ? 1.553  1.190  1.960  1.00 0.00 ? 6  TYR A O    3 
ATOM 387 C CB   . TYR A 1 6  ? -1.177 -0.007 3.460  1.00 0.00 ? 6  TYR A CB   3 
ATOM 388 C CG   . TYR A 1 6  ? -0.289 0.215  4.681  1.00 0.00 ? 6  TYR A CG   3 
ATOM 389 C CD1  . TYR A 1 6  ? 0.853  -0.512 4.845  1.00 0.00 ? 6  TYR A CD1  3 
ATOM 390 C CD2  . TYR A 1 6  ? -0.657 1.118  5.633  1.00 0.00 ? 6  TYR A CD2  3 
ATOM 391 C CE1  . TYR A 1 6  ? 1.629  -0.325 5.947  1.00 0.00 ? 6  TYR A CE1  3 
ATOM 392 C CE2  . TYR A 1 6  ? 0.118  1.300  6.738  1.00 0.00 ? 6  TYR A CE2  3 
ATOM 393 C CZ   . TYR A 1 6  ? 1.260  0.581  6.892  1.00 0.00 ? 6  TYR A CZ   3 
ATOM 394 O OH   . TYR A 1 6  ? 2.041  0.771  8.001  1.00 0.00 ? 6  TYR A OH   3 
ATOM 395 H H    . TYR A 1 6  ? -2.545 0.040  1.185  1.00 0.00 ? 6  TYR A H    3 
ATOM 396 H HA   . TYR A 1 6  ? -0.747 1.937  2.636  1.00 0.00 ? 6  TYR A HA   3 
ATOM 397 H HB2  . TYR A 1 6  ? -2.228 0.179  3.748  1.00 0.00 ? 6  TYR A HB2  3 
ATOM 398 H HB3  . TYR A 1 6  ? -1.135 -1.070 3.157  1.00 0.00 ? 6  TYR A HB3  3 
ATOM 399 H HD1  . TYR A 1 6  ? 1.147  -1.238 4.099  1.00 0.00 ? 6  TYR A HD1  3 
ATOM 400 H HD2  . TYR A 1 6  ? -1.566 1.692  5.518  1.00 0.00 ? 6  TYR A HD2  3 
ATOM 401 H HE1  . TYR A 1 6  ? 2.536  -0.899 6.072  1.00 0.00 ? 6  TYR A HE1  3 
ATOM 402 H HE2  . TYR A 1 6  ? -0.177 2.016  7.493  1.00 0.00 ? 6  TYR A HE2  3 
ATOM 403 H HH   . TYR A 1 6  ? 2.815  0.205  7.941  1.00 0.00 ? 6  TYR A HH   3 
ATOM 404 N N    . GLY A 1 7  ? 0.639  -0.593 0.953  1.00 0.00 ? 7  GLY A N    3 
ATOM 405 C CA   . GLY A 1 7  ? 1.947  -1.146 0.565  1.00 0.00 ? 7  GLY A CA   3 
ATOM 406 C C    . GLY A 1 7  ? 2.853  -0.199 -0.232 1.00 0.00 ? 7  GLY A C    3 
ATOM 407 O O    . GLY A 1 7  ? 4.043  -0.080 0.061  1.00 0.00 ? 7  GLY A O    3 
ATOM 408 H H    . GLY A 1 7  ? -0.239 -1.109 0.826  1.00 0.00 ? 7  GLY A H    3 
ATOM 409 H HA2  . GLY A 1 7  ? 2.485  -1.470 1.475  1.00 0.00 ? 7  GLY A HA2  3 
ATOM 410 H HA3  . GLY A 1 7  ? 1.781  -2.064 -0.028 1.00 0.00 ? 7  GLY A HA3  3 
ATOM 411 N N    . GLY A 1 8  ? 2.312  0.439  -1.270 1.00 0.00 ? 8  GLY A N    3 
ATOM 412 C CA   . GLY A 1 8  ? 3.142  1.286  -2.140 1.00 0.00 ? 8  GLY A CA   3 
ATOM 413 C C    . GLY A 1 8  ? 3.848  2.450  -1.428 1.00 0.00 ? 8  GLY A C    3 
ATOM 414 O O    . GLY A 1 8  ? 5.000  2.757  -1.733 1.00 0.00 ? 8  GLY A O    3 
ATOM 415 H H    . GLY A 1 8  ? 1.329  0.224  -1.469 1.00 0.00 ? 8  GLY A H    3 
ATOM 416 H HA2  . GLY A 1 8  ? 3.904  0.657  -2.638 1.00 0.00 ? 8  GLY A HA2  3 
ATOM 417 H HA3  . GLY A 1 8  ? 2.509  1.691  -2.952 1.00 0.00 ? 8  GLY A HA3  3 
ATOM 418 N N    . ILE A 1 9  ? 3.160  3.117  -0.500 1.00 0.00 ? 9  ILE A N    3 
ATOM 419 C CA   . ILE A 1 9  ? 3.777  4.251  0.212  1.00 0.00 ? 9  ILE A CA   3 
ATOM 420 C C    . ILE A 1 9  ? 4.432  3.782  1.528  1.00 0.00 ? 9  ILE A C    3 
ATOM 421 O O    . ILE A 1 9  ? 5.657  3.810  1.642  1.00 0.00 ? 9  ILE A O    3 
ATOM 422 C CB   . ILE A 1 9  ? 2.761  5.412  0.346  1.00 0.00 ? 9  ILE A CB   3 
ATOM 423 C CG1  . ILE A 1 9  ? 3.369  6.646  1.036  1.00 0.00 ? 9  ILE A CG1  3 
ATOM 424 C CG2  . ILE A 1 9  ? 1.464  5.011  1.065  1.00 0.00 ? 9  ILE A CG2  3 
ATOM 425 C CD1  . ILE A 1 9  ? 4.453  7.322  0.195  1.00 0.00 ? 9  ILE A CD1  3 
ATOM 426 H H    . ILE A 1 9  ? 2.216  2.771  -0.301 1.00 0.00 ? 9  ILE A H    3 
ATOM 427 H HA   . ILE A 1 9  ? 4.600  4.637  -0.419 1.00 0.00 ? 9  ILE A HA   3 
ATOM 428 H HB   . ILE A 1 9  ? 2.475  5.716  -0.679 1.00 0.00 ? 9  ILE A HB   3 
ATOM 429 H HG12 . ILE A 1 9  ? 2.569  7.381  1.241  1.00 0.00 ? 9  ILE A HG12 3 
ATOM 430 H HG13 . ILE A 1 9  ? 3.785  6.368  2.022  1.00 0.00 ? 9  ILE A HG13 3 
ATOM 431 H HG21 . ILE A 1 9  ? 0.984  4.143  0.579  1.00 0.00 ? 9  ILE A HG21 3 
ATOM 432 H HG22 . ILE A 1 9  ? 1.638  4.750  2.124  1.00 0.00 ? 9  ILE A HG22 3 
ATOM 433 H HG23 . ILE A 1 9  ? 0.733  5.840  1.049  1.00 0.00 ? 9  ILE A HG23 3 
ATOM 434 H HD11 . ILE A 1 9  ? 4.069  7.622  -0.797 1.00 0.00 ? 9  ILE A HD11 3 
ATOM 435 H HD12 . ILE A 1 9  ? 4.826  8.235  0.695  1.00 0.00 ? 9  ILE A HD12 3 
ATOM 436 H HD13 . ILE A 1 9  ? 5.320  6.656  0.035  1.00 0.00 ? 9  ILE A HD13 3 
ATOM 437 N N    . LYS A 1 10 ? 3.653  3.311  2.506  1.00 0.00 ? 10 LYS A N    3 
ATOM 438 C CA   . LYS A 1 10 ? 4.257  2.785  3.743  1.00 0.00 ? 10 LYS A CA   3 
ATOM 439 C C    . LYS A 1 10 ? 4.622  1.316  3.522  1.00 0.00 ? 10 LYS A C    3 
ATOM 440 O O    . LYS A 1 10 ? 3.713  0.457  3.494  1.00 0.00 ? 10 LYS A O    3 
ATOM 441 C CB   . LYS A 1 10 ? 3.301  2.906  4.945  1.00 0.00 ? 10 LYS A CB   3 
ATOM 442 C CG   . LYS A 1 10 ? 3.255  4.300  5.591  1.00 0.00 ? 10 LYS A CG   3 
ATOM 443 C CD   . LYS A 1 10 ? 2.489  5.329  4.752  1.00 0.00 ? 10 LYS A CD   3 
ATOM 444 C CE   . LYS A 1 10 ? 2.257  6.644  5.507  1.00 0.00 ? 10 LYS A CE   3 
ATOM 445 N NZ   . LYS A 1 10 ? 3.521  7.360  5.753  1.00 0.00 ? 10 LYS A NZ   3 
ATOM 446 O OXT  . LYS A 1 10 ? 5.827  1.014  3.374  1.00 0.00 ? 10 LYS A OXT  3 
ATOM 447 H H    . LYS A 1 10 ? 2.643  3.309  2.326  1.00 0.00 ? 10 LYS A H    3 
ATOM 448 H HA   . LYS A 1 10 ? 5.187  3.340  3.971  1.00 0.00 ? 10 LYS A HA   3 
ATOM 449 H HB2  . LYS A 1 10 ? 2.283  2.576  4.667  1.00 0.00 ? 10 LYS A HB2  3 
ATOM 450 H HB3  . LYS A 1 10 ? 3.634  2.197  5.727  1.00 0.00 ? 10 LYS A HB3  3 
ATOM 451 H HG2  . LYS A 1 10 ? 2.767  4.211  6.579  1.00 0.00 ? 10 LYS A HG2  3 
ATOM 452 H HG3  . LYS A 1 10 ? 4.281  4.658  5.792  1.00 0.00 ? 10 LYS A HG3  3 
ATOM 453 H HD2  . LYS A 1 10 ? 3.032  5.529  3.812  1.00 0.00 ? 10 LYS A HD2  3 
ATOM 454 H HD3  . LYS A 1 10 ? 1.510  4.908  4.461  1.00 0.00 ? 10 LYS A HD3  3 
ATOM 455 H HE2  . LYS A 1 10 ? 1.582  7.294  4.921  1.00 0.00 ? 10 LYS A HE2  3 
ATOM 456 H HE3  . LYS A 1 10 ? 1.745  6.451  6.468  1.00 0.00 ? 10 LYS A HE3  3 
ATOM 457 H HZ1  . LYS A 1 10 ? 4.035  7.535  4.883  1.00 0.00 ? 10 LYS A HZ1  3 
ATOM 458 H HZ2  . LYS A 1 10 ? 3.355  8.272  6.195  1.00 0.00 ? 10 LYS A HZ2  3 
ATOM 459 H HZ3  . LYS A 1 10 ? 4.143  6.831  6.375  1.00 0.00 ? 10 LYS A HZ3  3 
ATOM 460 N N    . TRP A 1 1  ? -3.846 -2.951 3.120  1.00 0.00 ? 1  TRP A N    4 
ATOM 461 C CA   . TRP A 1 1  ? -2.588 -3.726 3.112  1.00 0.00 ? 1  TRP A CA   4 
ATOM 462 C C    . TRP A 1 1  ? -2.081 -3.956 1.674  1.00 0.00 ? 1  TRP A C    4 
ATOM 463 O O    . TRP A 1 1  ? -0.874 -4.001 1.433  1.00 0.00 ? 1  TRP A O    4 
ATOM 464 C CB   . TRP A 1 1  ? -2.816 -5.055 3.847  1.00 0.00 ? 1  TRP A CB   4 
ATOM 465 C CG   . TRP A 1 1  ? -1.508 -5.792 4.085  1.00 0.00 ? 1  TRP A CG   4 
ATOM 466 C CD1  . TRP A 1 1  ? -0.980 -6.836 3.311  1.00 0.00 ? 1  TRP A CD1  4 
ATOM 467 C CD2  . TRP A 1 1  ? -0.607 -5.569 5.087  1.00 0.00 ? 1  TRP A CD2  4 
ATOM 468 N NE1  . TRP A 1 1  ? 0.260  -7.258 3.842  1.00 0.00 ? 1  TRP A NE1  4 
ATOM 469 C CE2  . TRP A 1 1  ? 0.435  -6.430 4.946  1.00 0.00 ? 1  TRP A CE2  4 
ATOM 470 C CE3  . TRP A 1 1  ? -0.653 -4.662 6.097  1.00 0.00 ? 1  TRP A CE3  4 
ATOM 471 C CZ2  . TRP A 1 1  ? 1.478  -6.414 5.817  1.00 0.00 ? 1  TRP A CZ2  4 
ATOM 472 C CZ3  . TRP A 1 1  ? 0.390  -4.638 6.981  1.00 0.00 ? 1  TRP A CZ3  4 
ATOM 473 C CH2  . TRP A 1 1  ? 1.448  -5.506 6.843  1.00 0.00 ? 1  TRP A CH2  4 
ATOM 474 H H1   . TRP A 1 1  ? -3.734 -2.041 2.661  1.00 0.00 ? 1  TRP A H1   4 
ATOM 475 H H2   . TRP A 1 1  ? -4.598 -3.448 2.629  1.00 0.00 ? 1  TRP A H2   4 
ATOM 476 H H3   . TRP A 1 1  ? -4.173 -2.772 4.076  1.00 0.00 ? 1  TRP A H3   4 
ATOM 477 H HA   . TRP A 1 1  ? -1.825 -3.144 3.660  1.00 0.00 ? 1  TRP A HA   4 
ATOM 478 H HB2  . TRP A 1 1  ? -3.305 -4.863 4.819  1.00 0.00 ? 1  TRP A HB2  4 
ATOM 479 H HB3  . TRP A 1 1  ? -3.515 -5.692 3.274  1.00 0.00 ? 1  TRP A HB3  4 
ATOM 480 H HD1  . TRP A 1 1  ? -1.447 -7.256 2.433  1.00 0.00 ? 1  TRP A HD1  4 
ATOM 481 H HE1  . TRP A 1 1  ? 0.883  -7.996 3.495  1.00 0.00 ? 1  TRP A HE1  4 
ATOM 482 H HE3  . TRP A 1 1  ? -1.486 -3.982 6.201  1.00 0.00 ? 1  TRP A HE3  4 
ATOM 483 H HZ2  . TRP A 1 1  ? 2.308  -7.096 5.707  1.00 0.00 ? 1  TRP A HZ2  4 
ATOM 484 H HZ3  . TRP A 1 1  ? 0.383  -3.927 7.796  1.00 0.00 ? 1  TRP A HZ3  4 
ATOM 485 H HH2  . TRP A 1 1  ? 2.264  -5.471 7.551  1.00 0.00 ? 1  TRP A HH2  4 
ATOM 486 N N    . ASN A 1 2  ? -2.998 -4.106 0.715  1.00 0.00 ? 2  ASN A N    4 
ATOM 487 C CA   . ASN A 1 2  ? -2.588 -4.326 -0.687 1.00 0.00 ? 2  ASN A CA   4 
ATOM 488 C C    . ASN A 1 2  ? -1.762 -3.133 -1.224 1.00 0.00 ? 2  ASN A C    4 
ATOM 489 O O    . ASN A 1 2  ? -1.869 -2.016 -0.711 1.00 0.00 ? 2  ASN A O    4 
ATOM 490 C CB   . ASN A 1 2  ? -3.854 -4.562 -1.540 1.00 0.00 ? 2  ASN A CB   4 
ATOM 491 C CG   . ASN A 1 2  ? -4.824 -3.375 -1.523 1.00 0.00 ? 2  ASN A CG   4 
ATOM 492 O OD1  . ASN A 1 2  ? -4.599 -2.345 -2.157 1.00 0.00 ? 2  ASN A OD1  4 
ATOM 493 N ND2  . ASN A 1 2  ? -5.927 -3.519 -0.811 1.00 0.00 ? 2  ASN A ND2  4 
ATOM 494 H H    . ASN A 1 2  ? -3.979 -4.057 1.014  1.00 0.00 ? 2  ASN A H    4 
ATOM 495 H HA   . ASN A 1 2  ? -1.960 -5.236 -0.724 1.00 0.00 ? 2  ASN A HA   4 
ATOM 496 H HB2  . ASN A 1 2  ? -3.570 -4.774 -2.585 1.00 0.00 ? 2  ASN A HB2  4 
ATOM 497 H HB3  . ASN A 1 2  ? -4.380 -5.468 -1.186 1.00 0.00 ? 2  ASN A HB3  4 
ATOM 498 H HD21 . ASN A 1 2  ? -6.043 -4.412 -0.320 1.00 0.00 ? 2  ASN A HD21 4 
ATOM 499 H HD22 . ASN A 1 2  ? -6.580 -2.726 -0.807 1.00 0.00 ? 2  ASN A HD22 4 
ATOM 500 N N    . PRO A 1 3  ? -0.923 -3.339 -2.253 1.00 0.00 ? 3  PRO A N    4 
ATOM 501 C CA   . PRO A 1 3  ? -0.010 -2.289 -2.732 1.00 0.00 ? 3  PRO A CA   4 
ATOM 502 C C    . PRO A 1 3  ? -0.680 -1.221 -3.621 1.00 0.00 ? 3  PRO A C    4 
ATOM 503 O O    . PRO A 1 3  ? 0.000  -0.505 -4.358 1.00 0.00 ? 3  PRO A O    4 
ATOM 504 C CB   . PRO A 1 3  ? 1.010  -3.127 -3.518 1.00 0.00 ? 3  PRO A CB   4 
ATOM 505 C CG   . PRO A 1 3  ? 0.218  -4.335 -4.013 1.00 0.00 ? 3  PRO A CG   4 
ATOM 506 C CD   . PRO A 1 3  ? -0.696 -4.664 -2.835 1.00 0.00 ? 3  PRO A CD   4 
ATOM 507 H HA   . PRO A 1 3  ? 0.483  -1.789 -1.882 1.00 0.00 ? 3  PRO A HA   4 
ATOM 508 H HB2  . PRO A 1 3  ? 1.496  -2.565 -4.337 1.00 0.00 ? 3  PRO A HB2  4 
ATOM 509 H HB3  . PRO A 1 3  ? 1.803  -3.474 -2.834 1.00 0.00 ? 3  PRO A HB3  4 
ATOM 510 H HG2  . PRO A 1 3  ? -0.387 -4.053 -4.895 1.00 0.00 ? 3  PRO A HG2  4 
ATOM 511 H HG3  . PRO A 1 3  ? 0.864  -5.183 -4.303 1.00 0.00 ? 3  PRO A HG3  4 
ATOM 512 H HD2  . PRO A 1 3  ? -1.628 -5.151 -3.161 1.00 0.00 ? 3  PRO A HD2  4 
ATOM 513 H HD3  . PRO A 1 3  ? -0.189 -5.322 -2.105 1.00 0.00 ? 3  PRO A HD3  4 
ATOM 514 N N    . ALA A 1 4  ? -1.978 -0.988 -3.425 1.00 0.00 ? 4  ALA A N    4 
ATOM 515 C CA   . ALA A 1 4  ? -2.626 0.179  -4.052 1.00 0.00 ? 4  ALA A CA   4 
ATOM 516 C C    . ALA A 1 4  ? -3.000 1.261  -3.014 1.00 0.00 ? 4  ALA A C    4 
ATOM 517 O O    . ALA A 1 4  ? -3.580 2.289  -3.368 1.00 0.00 ? 4  ALA A O    4 
ATOM 518 C CB   . ALA A 1 4  ? -3.881 -0.295 -4.790 1.00 0.00 ? 4  ALA A CB   4 
ATOM 519 H H    . ALA A 1 4  ? -2.453 -1.610 -2.762 1.00 0.00 ? 4  ALA A H    4 
ATOM 520 H HA   . ALA A 1 4  ? -1.936 0.632  -4.782 1.00 0.00 ? 4  ALA A HA   4 
ATOM 521 H HB1  . ALA A 1 4  ? -3.634 -1.058 -5.552 1.00 0.00 ? 4  ALA A HB1  4 
ATOM 522 H HB2  . ALA A 1 4  ? -4.614 -0.741 -4.094 1.00 0.00 ? 4  ALA A HB2  4 
ATOM 523 H HB3  . ALA A 1 4  ? -4.380 0.543  -5.308 1.00 0.00 ? 4  ALA A HB3  4 
ATOM 524 N N    . ASP A 1 5  ? -2.656 1.057  -1.740 1.00 0.00 ? 5  ASP A N    4 
ATOM 525 C CA   . ASP A 1 5  ? -2.972 2.066  -0.719 1.00 0.00 ? 5  ASP A CA   4 
ATOM 526 C C    . ASP A 1 5  ? -1.914 1.996  0.393  1.00 0.00 ? 5  ASP A C    4 
ATOM 527 O O    . ASP A 1 5  ? -0.939 2.749  0.387  1.00 0.00 ? 5  ASP A O    4 
ATOM 528 C CB   . ASP A 1 5  ? -4.411 1.849  -0.218 1.00 0.00 ? 5  ASP A CB   4 
ATOM 529 C CG   . ASP A 1 5  ? -4.826 2.892  0.817  1.00 0.00 ? 5  ASP A CG   4 
ATOM 530 O OD1  . ASP A 1 5  ? -5.081 4.054  0.432  1.00 0.00 ? 5  ASP A OD1  4 
ATOM 531 O OD2  . ASP A 1 5  ? -4.904 2.552  2.017  1.00 0.00 ? 5  ASP A OD2  4 
ATOM 532 H H    . ASP A 1 5  ? -2.173 0.175  -1.537 1.00 0.00 ? 5  ASP A H    4 
ATOM 533 H HA   . ASP A 1 5  ? -2.917 3.064  -1.172 1.00 0.00 ? 5  ASP A HA   4 
ATOM 534 H HB2  . ASP A 1 5  ? -5.110 1.896  -1.071 1.00 0.00 ? 5  ASP A HB2  4 
ATOM 535 H HB3  . ASP A 1 5  ? -4.519 0.837  0.206  1.00 0.00 ? 5  ASP A HB3  4 
ATOM 536 N N    . TYR A 1 6  ? -2.086 1.075  1.337  1.00 0.00 ? 6  TYR A N    4 
ATOM 537 C CA   . TYR A 1 6  ? -1.125 0.967  2.450  1.00 0.00 ? 6  TYR A CA   4 
ATOM 538 C C    . TYR A 1 6  ? 0.236  0.438  1.967  1.00 0.00 ? 6  TYR A C    4 
ATOM 539 O O    . TYR A 1 6  ? 1.284  0.982  2.316  1.00 0.00 ? 6  TYR A O    4 
ATOM 540 C CB   . TYR A 1 6  ? -1.719 0.061  3.539  1.00 0.00 ? 6  TYR A CB   4 
ATOM 541 C CG   . TYR A 1 6  ? -0.821 -0.016 4.767  1.00 0.00 ? 6  TYR A CG   4 
ATOM 542 C CD1  . TYR A 1 6  ? -0.850 0.978  5.697  1.00 0.00 ? 6  TYR A CD1  4 
ATOM 543 C CD2  . TYR A 1 6  ? 0.018  -1.075 4.935  1.00 0.00 ? 6  TYR A CD2  4 
ATOM 544 C CE1  . TYR A 1 6  ? -0.042 0.914  6.787  1.00 0.00 ? 6  TYR A CE1  4 
ATOM 545 C CE2  . TYR A 1 6  ? 0.827  -1.137 6.025  1.00 0.00 ? 6  TYR A CE2  4 
ATOM 546 C CZ   . TYR A 1 6  ? 0.798  -0.142 6.951  1.00 0.00 ? 6  TYR A CZ   4 
ATOM 547 O OH   . TYR A 1 6  ? 1.616  -0.205 8.049  1.00 0.00 ? 6  TYR A OH   4 
ATOM 548 H H    . TYR A 1 6  ? -2.933 0.505  1.251  1.00 0.00 ? 6  TYR A H    4 
ATOM 549 H HA   . TYR A 1 6  ? -0.973 1.971  2.876  1.00 0.00 ? 6  TYR A HA   4 
ATOM 550 H HB2  . TYR A 1 6  ? -2.715 0.439  3.835  1.00 0.00 ? 6  TYR A HB2  4 
ATOM 551 H HB3  . TYR A 1 6  ? -1.887 -0.949 3.129  1.00 0.00 ? 6  TYR A HB3  4 
ATOM 552 H HD1  . TYR A 1 6  ? -1.512 1.821  5.568  1.00 0.00 ? 6  TYR A HD1  4 
ATOM 553 H HD2  . TYR A 1 6  ? 0.048  -1.865 4.199  1.00 0.00 ? 6  TYR A HD2  4 
ATOM 554 H HE1  . TYR A 1 6  ? -0.064 1.705  7.522  1.00 0.00 ? 6  TYR A HE1  4 
ATOM 555 H HE2  . TYR A 1 6  ? 1.495  -1.976 6.154  1.00 0.00 ? 6  TYR A HE2  4 
ATOM 556 H HH   . TYR A 1 6  ? 2.136  -1.010 8.005  1.00 0.00 ? 6  TYR A HH   4 
ATOM 557 N N    . GLY A 1 7  ? 0.224  -0.614 1.152  1.00 0.00 ? 7  GLY A N    4 
ATOM 558 C CA   . GLY A 1 7  ? 1.489  -1.153 0.627  1.00 0.00 ? 7  GLY A CA   4 
ATOM 559 C C    . GLY A 1 7  ? 2.190  -0.232 -0.392 1.00 0.00 ? 7  GLY A C    4 
ATOM 560 O O    . GLY A 1 7  ? 3.348  -0.460 -0.745 1.00 0.00 ? 7  GLY A O    4 
ATOM 561 H H    . GLY A 1 7  ? -0.700 -0.986 0.912  1.00 0.00 ? 7  GLY A H    4 
ATOM 562 H HA2  . GLY A 1 7  ? 2.177  -1.361 1.466  1.00 0.00 ? 7  GLY A HA2  4 
ATOM 563 H HA3  . GLY A 1 7  ? 1.292  -2.129 0.150  1.00 0.00 ? 7  GLY A HA3  4 
ATOM 564 N N    . GLY A 1 8  ? 1.508  0.814  -0.862 1.00 0.00 ? 8  GLY A N    4 
ATOM 565 C CA   . GLY A 1 8  ? 2.149  1.751  -1.795 1.00 0.00 ? 8  GLY A CA   4 
ATOM 566 C C    . GLY A 1 8  ? 3.189  2.615  -1.090 1.00 0.00 ? 8  GLY A C    4 
ATOM 567 O O    . GLY A 1 8  ? 4.371  2.616  -1.437 1.00 0.00 ? 8  GLY A O    4 
ATOM 568 H H    . GLY A 1 8  ? 0.562  0.949  -0.485 1.00 0.00 ? 8  GLY A H    4 
ATOM 569 H HA2  . GLY A 1 8  ? 2.614  1.199  -2.632 1.00 0.00 ? 8  GLY A HA2  4 
ATOM 570 H HA3  . GLY A 1 8  ? 1.382  2.414  -2.235 1.00 0.00 ? 8  GLY A HA3  4 
ATOM 571 N N    . ILE A 1 9  ? 2.721  3.414  -0.138 1.00 0.00 ? 9  ILE A N    4 
ATOM 572 C CA   . ILE A 1 9  ? 3.614  4.375  0.526  1.00 0.00 ? 9  ILE A CA   4 
ATOM 573 C C    . ILE A 1 9  ? 4.362  3.724  1.712  1.00 0.00 ? 9  ILE A C    4 
ATOM 574 O O    . ILE A 1 9  ? 5.585  3.833  1.806  1.00 0.00 ? 9  ILE A O    4 
ATOM 575 C CB   . ILE A 1 9  ? 2.791  5.632  0.897  1.00 0.00 ? 9  ILE A CB   4 
ATOM 576 C CG1  . ILE A 1 9  ? 3.653  6.717  1.560  1.00 0.00 ? 9  ILE A CG1  4 
ATOM 577 C CG2  . ILE A 1 9  ? 1.601  5.306  1.812  1.00 0.00 ? 9  ILE A CG2  4 
ATOM 578 C CD1  . ILE A 1 9  ? 4.782  7.205  0.648  1.00 0.00 ? 9  ILE A CD1  4 
ATOM 579 H H    . ILE A 1 9  ? 1.717  3.341  0.062  1.00 0.00 ? 9  ILE A H    4 
ATOM 580 H HA   . ILE A 1 9  ? 4.380  4.686  -0.207 1.00 0.00 ? 9  ILE A HA   4 
ATOM 581 H HB   . ILE A 1 9  ? 2.382  6.055  -0.039 1.00 0.00 ? 9  ILE A HB   4 
ATOM 582 H HG12 . ILE A 1 9  ? 3.003  7.569  1.816  1.00 0.00 ? 9  ILE A HG12 4 
ATOM 583 H HG13 . ILE A 1 9  ? 4.069  6.347  2.514  1.00 0.00 ? 9  ILE A HG13 4 
ATOM 584 H HG21 . ILE A 1 9  ? 0.926  4.565  1.349  1.00 0.00 ? 9  ILE A HG21 4 
ATOM 585 H HG22 . ILE A 1 9  ? 1.932  4.896  2.780  1.00 0.00 ? 9  ILE A HG22 4 
ATOM 586 H HG23 . ILE A 1 9  ? 1.002  6.209  2.024  1.00 0.00 ? 9  ILE A HG23 4 
ATOM 587 H HD11 . ILE A 1 9  ? 4.389  7.584  -0.312 1.00 0.00 ? 9  ILE A HD11 4 
ATOM 588 H HD12 . ILE A 1 9  ? 5.349  8.026  1.123  1.00 0.00 ? 9  ILE A HD12 4 
ATOM 589 H HD13 . ILE A 1 9  ? 5.501  6.397  0.423  1.00 0.00 ? 9  ILE A HD13 4 
ATOM 590 N N    . LYS A 1 10 ? 3.664  2.966  2.563  1.00 0.00 ? 10 LYS A N    4 
ATOM 591 C CA   . LYS A 1 10 ? 4.373  2.193  3.600  1.00 0.00 ? 10 LYS A CA   4 
ATOM 592 C C    . LYS A 1 10 ? 4.793  0.853  2.994  1.00 0.00 ? 10 LYS A C    4 
ATOM 593 O O    . LYS A 1 10 ? 5.999  0.671  2.722  1.00 0.00 ? 10 LYS A O    4 
ATOM 594 C CB   . LYS A 1 10 ? 3.481  1.951  4.834  1.00 0.00 ? 10 LYS A CB   4 
ATOM 595 C CG   . LYS A 1 10 ? 3.440  3.135  5.811  1.00 0.00 ? 10 LYS A CG   4 
ATOM 596 C CD   . LYS A 1 10 ? 2.773  4.384  5.222  1.00 0.00 ? 10 LYS A CD   4 
ATOM 597 C CE   . LYS A 1 10 ? 2.652  5.507  6.258  1.00 0.00 ? 10 LYS A CE   4 
ATOM 598 N NZ   . LYS A 1 10 ? 3.982  5.976  6.680  1.00 0.00 ? 10 LYS A NZ   4 
ATOM 599 O OXT  . LYS A 1 10 ? 3.922  -0.020 2.784  1.00 0.00 ? 10 LYS A OXT  4 
ATOM 600 H H    . LYS A 1 10 ? 2.657  2.894  2.393  1.00 0.00 ? 10 LYS A H    4 
ATOM 601 H HA   . LYS A 1 10 ? 5.282  2.736  3.913  1.00 0.00 ? 10 LYS A HA   4 
ATOM 602 H HB2  . LYS A 1 10 ? 2.459  1.673  4.522  1.00 0.00 ? 10 LYS A HB2  4 
ATOM 603 H HB3  . LYS A 1 10 ? 3.873  1.075  5.384  1.00 0.00 ? 10 LYS A HB3  4 
ATOM 604 H HG2  . LYS A 1 10 ? 2.891  2.828  6.720  1.00 0.00 ? 10 LYS A HG2  4 
ATOM 605 H HG3  . LYS A 1 10 ? 4.465  3.377  6.143  1.00 0.00 ? 10 LYS A HG3  4 
ATOM 606 H HD2  . LYS A 1 10 ? 3.346  4.745  4.351  1.00 0.00 ? 10 LYS A HD2  4 
ATOM 607 H HD3  . LYS A 1 10 ? 1.766  4.120  4.848  1.00 0.00 ? 10 LYS A HD3  4 
ATOM 608 H HE2  . LYS A 1 10 ? 2.084  6.354  5.831  1.00 0.00 ? 10 LYS A HE2  4 
ATOM 609 H HE3  . LYS A 1 10 ? 2.082  5.158  7.138  1.00 0.00 ? 10 LYS A HE3  4 
ATOM 610 H HZ1  . LYS A 1 10 ? 4.526  6.335  5.888  1.00 0.00 ? 10 LYS A HZ1  4 
ATOM 611 H HZ2  . LYS A 1 10 ? 3.915  6.732  7.371  1.00 0.00 ? 10 LYS A HZ2  4 
ATOM 612 H HZ3  . LYS A 1 10 ? 4.531  5.222  7.108  1.00 0.00 ? 10 LYS A HZ3  4 
ATOM 613 N N    . TRP A 1 1  ? -5.245 -2.899 3.456  1.00 0.00 ? 1  TRP A N    5 
ATOM 614 C CA   . TRP A 1 1  ? -3.831 -3.306 3.341  1.00 0.00 ? 1  TRP A CA   5 
ATOM 615 C C    . TRP A 1 1  ? -3.638 -4.058 2.007  1.00 0.00 ? 1  TRP A C    5 
ATOM 616 O O    . TRP A 1 1  ? -3.953 -5.245 1.882  1.00 0.00 ? 1  TRP A O    5 
ATOM 617 C CB   . TRP A 1 1  ? -3.466 -4.179 4.567  1.00 0.00 ? 1  TRP A CB   5 
ATOM 618 C CG   . TRP A 1 1  ? -1.955 -4.348 4.741  1.00 0.00 ? 1  TRP A CG   5 
ATOM 619 C CD1  . TRP A 1 1  ? -1.130 -5.189 3.974  1.00 0.00 ? 1  TRP A CD1  5 
ATOM 620 C CD2  . TRP A 1 1  ? -1.189 -3.930 5.802  1.00 0.00 ? 1  TRP A CD2  5 
ATOM 621 N NE1  . TRP A 1 1  ? 0.163  -5.282 4.545  1.00 0.00 ? 1  TRP A NE1  5 
ATOM 622 C CE2  . TRP A 1 1  ? 0.064  -4.494 5.689  1.00 0.00 ? 1  TRP A CE2  5 
ATOM 623 C CE3  . TRP A 1 1  ? -1.594 -3.319 6.975  1.00 0.00 ? 1  TRP A CE3  5 
ATOM 624 C CZ2  . TRP A 1 1  ? 0.939  -4.483 6.758  1.00 0.00 ? 1  TRP A CZ2  5 
ATOM 625 C CZ3  . TRP A 1 1  ? -0.698 -3.257 8.022  1.00 0.00 ? 1  TRP A CZ3  5 
ATOM 626 C CH2  . TRP A 1 1  ? 0.557  -3.836 7.916  1.00 0.00 ? 1  TRP A CH2  5 
ATOM 627 H H1   . TRP A 1 1  ? -5.530 -2.283 2.685  1.00 0.00 ? 1  TRP A H1   5 
ATOM 628 H H2   . TRP A 1 1  ? -5.874 -3.710 3.448  1.00 0.00 ? 1  TRP A H2   5 
ATOM 629 H H3   . TRP A 1 1  ? -5.420 -2.390 4.331  1.00 0.00 ? 1  TRP A H3   5 
ATOM 630 H HA   . TRP A 1 1  ? -3.206 -2.392 3.346  1.00 0.00 ? 1  TRP A HA   5 
ATOM 631 H HB2  . TRP A 1 1  ? -3.889 -3.725 5.480  1.00 0.00 ? 1  TRP A HB2  5 
ATOM 632 H HB3  . TRP A 1 1  ? -3.944 -5.173 4.484  1.00 0.00 ? 1  TRP A HB3  5 
ATOM 633 H HD1  . TRP A 1 1  ? -1.477 -5.814 3.162  1.00 0.00 ? 1  TRP A HD1  5 
ATOM 634 H HE1  . TRP A 1 1  ? 0.840  -6.039 4.388  1.00 0.00 ? 1  TRP A HE1  5 
ATOM 635 H HE3  . TRP A 1 1  ? -2.597 -2.933 7.089  1.00 0.00 ? 1  TRP A HE3  5 
ATOM 636 H HZ2  . TRP A 1 1  ? 1.896  -4.982 6.697  1.00 0.00 ? 1  TRP A HZ2  5 
ATOM 637 H HZ3  . TRP A 1 1  ? -0.990 -2.785 8.949  1.00 0.00 ? 1  TRP A HZ3  5 
ATOM 638 H HH2  . TRP A 1 1  ? 1.232  -3.809 8.760  1.00 0.00 ? 1  TRP A HH2  5 
ATOM 639 N N    . ASN A 1 2  ? -3.147 -3.336 0.995  1.00 0.00 ? 2  ASN A N    5 
ATOM 640 C CA   . ASN A 1 2  ? -2.962 -3.939 -0.352 1.00 0.00 ? 2  ASN A CA   5 
ATOM 641 C C    . ASN A 1 2  ? -1.871 -3.125 -1.125 1.00 0.00 ? 2  ASN A C    5 
ATOM 642 O O    . ASN A 1 2  ? -1.453 -2.062 -0.661 1.00 0.00 ? 2  ASN A O    5 
ATOM 643 C CB   . ASN A 1 2  ? -4.328 -3.994 -1.100 1.00 0.00 ? 2  ASN A CB   5 
ATOM 644 C CG   . ASN A 1 2  ? -4.946 -2.614 -1.401 1.00 0.00 ? 2  ASN A CG   5 
ATOM 645 O OD1  . ASN A 1 2  ? -4.543 -1.919 -2.332 1.00 0.00 ? 2  ASN A OD1  5 
ATOM 646 N ND2  . ASN A 1 2  ? -5.978 -2.240 -0.663 1.00 0.00 ? 2  ASN A ND2  5 
ATOM 647 H H    . ASN A 1 2  ? -2.945 -2.350 1.197  1.00 0.00 ? 2  ASN A H    5 
ATOM 648 H HA   . ASN A 1 2  ? -2.590 -4.972 -0.225 1.00 0.00 ? 2  ASN A HA   5 
ATOM 649 H HB2  . ASN A 1 2  ? -4.207 -4.539 -2.053 1.00 0.00 ? 2  ASN A HB2  5 
ATOM 650 H HB3  . ASN A 1 2  ? -5.046 -4.602 -0.516 1.00 0.00 ? 2  ASN A HB3  5 
ATOM 651 H HD21 . ASN A 1 2  ? -6.294 -2.900 0.057  1.00 0.00 ? 2  ASN A HD21 5 
ATOM 652 H HD22 . ASN A 1 2  ? -6.424 -1.352 -0.920 1.00 0.00 ? 2  ASN A HD22 5 
ATOM 653 N N    . PRO A 1 3  ? -1.412 -3.558 -2.328 1.00 0.00 ? 3  PRO A N    5 
ATOM 654 C CA   . PRO A 1 3  ? -0.324 -2.839 -3.032 1.00 0.00 ? 3  PRO A CA   5 
ATOM 655 C C    . PRO A 1 3  ? -0.653 -1.388 -3.481 1.00 0.00 ? 3  PRO A C    5 
ATOM 656 O O    . PRO A 1 3  ? 0.239  -0.541 -3.547 1.00 0.00 ? 3  PRO A O    5 
ATOM 657 C CB   . PRO A 1 3  ? -0.021 -3.757 -4.223 1.00 0.00 ? 3  PRO A CB   5 
ATOM 658 C CG   . PRO A 1 3  ? -0.474 -5.157 -3.793 1.00 0.00 ? 3  PRO A CG   5 
ATOM 659 C CD   . PRO A 1 3  ? -1.619 -4.937 -2.799 1.00 0.00 ? 3  PRO A CD   5 
ATOM 660 H HA   . PRO A 1 3  ? 0.561  -2.810 -2.370 1.00 0.00 ? 3  PRO A HA   5 
ATOM 661 H HB2  . PRO A 1 3  ? -0.584 -3.438 -5.121 1.00 0.00 ? 3  PRO A HB2  5 
ATOM 662 H HB3  . PRO A 1 3  ? 1.052  -3.741 -4.483 1.00 0.00 ? 3  PRO A HB3  5 
ATOM 663 H HG2  . PRO A 1 3  ? -0.793 -5.765 -4.658 1.00 0.00 ? 3  PRO A HG2  5 
ATOM 664 H HG3  . PRO A 1 3  ? 0.360  -5.692 -3.304 1.00 0.00 ? 3  PRO A HG3  5 
ATOM 665 H HD2  . PRO A 1 3  ? -2.595 -5.036 -3.306 1.00 0.00 ? 3  PRO A HD2  5 
ATOM 666 H HD3  . PRO A 1 3  ? -1.580 -5.672 -1.974 1.00 0.00 ? 3  PRO A HD3  5 
ATOM 667 N N    . ALA A 1 4  ? -1.933 -1.085 -3.751 1.00 0.00 ? 4  ALA A N    5 
ATOM 668 C CA   . ALA A 1 4  ? -2.338 0.322  -3.998 1.00 0.00 ? 4  ALA A CA   5 
ATOM 669 C C    . ALA A 1 4  ? -2.738 1.102  -2.706 1.00 0.00 ? 4  ALA A C    5 
ATOM 670 O O    . ALA A 1 4  ? -3.378 2.153  -2.791 1.00 0.00 ? 4  ALA A O    5 
ATOM 671 C CB   . ALA A 1 4  ? -3.530 0.291  -4.965 1.00 0.00 ? 4  ALA A CB   5 
ATOM 672 H H    . ALA A 1 4  ? -2.607 -1.853 -3.652 1.00 0.00 ? 4  ALA A H    5 
ATOM 673 H HA   . ALA A 1 4  ? -1.506 0.864  -4.487 1.00 0.00 ? 4  ALA A HA   5 
ATOM 674 H HB1  . ALA A 1 4  ? -3.277 -0.239 -5.900 1.00 0.00 ? 4  ALA A HB1  5 
ATOM 675 H HB2  . ALA A 1 4  ? -4.403 -0.220 -4.517 1.00 0.00 ? 4  ALA A HB2  5 
ATOM 676 H HB3  . ALA A 1 4  ? -3.851 1.312  -5.242 1.00 0.00 ? 4  ALA A HB3  5 
ATOM 677 N N    . ASP A 1 5  ? -2.326 0.626  -1.516 1.00 0.00 ? 5  ASP A N    5 
ATOM 678 C CA   . ASP A 1 5  ? -2.717 1.294  -0.256 1.00 0.00 ? 5  ASP A CA   5 
ATOM 679 C C    . ASP A 1 5  ? -1.502 1.276  0.704  1.00 0.00 ? 5  ASP A C    5 
ATOM 680 O O    . ASP A 1 5  ? -0.788 2.275  0.819  1.00 0.00 ? 5  ASP A O    5 
ATOM 681 C CB   . ASP A 1 5  ? -3.979 0.598  0.321  1.00 0.00 ? 5  ASP A CB   5 
ATOM 682 C CG   . ASP A 1 5  ? -4.510 1.282  1.584  1.00 0.00 ? 5  ASP A CG   5 
ATOM 683 O OD1  . ASP A 1 5  ? -4.995 2.431  1.492  1.00 0.00 ? 5  ASP A OD1  5 
ATOM 684 O OD2  . ASP A 1 5  ? -4.454 0.665  2.671  1.00 0.00 ? 5  ASP A OD2  5 
ATOM 685 H H    . ASP A 1 5  ? -1.825 -0.269 -1.540 1.00 0.00 ? 5  ASP A H    5 
ATOM 686 H HA   . ASP A 1 5  ? -2.965 2.353  -0.464 1.00 0.00 ? 5  ASP A HA   5 
ATOM 687 H HB2  . ASP A 1 5  ? -4.783 0.590  -0.440 1.00 0.00 ? 5  ASP A HB2  5 
ATOM 688 H HB3  . ASP A 1 5  ? -3.764 -0.466 0.543  1.00 0.00 ? 5  ASP A HB3  5 
ATOM 689 N N    . TYR A 1 6  ? -1.238 0.134  1.362  1.00 0.00 ? 6  TYR A N    5 
ATOM 690 C CA   . TYR A 1 6  ? -0.065 0.042  2.263  1.00 0.00 ? 6  TYR A CA   5 
ATOM 691 C C    . TYR A 1 6  ? 1.256  -0.147 1.468  1.00 0.00 ? 6  TYR A C    5 
ATOM 692 O O    . TYR A 1 6  ? 2.263  0.497  1.770  1.00 0.00 ? 6  TYR A O    5 
ATOM 693 C CB   . TYR A 1 6  ? -0.298 -1.109 3.269  1.00 0.00 ? 6  TYR A CB   5 
ATOM 694 C CG   . TYR A 1 6  ? 0.754  -1.136 4.387  1.00 0.00 ? 6  TYR A CG   5 
ATOM 695 C CD1  . TYR A 1 6  ? 1.947  -1.799 4.197  1.00 0.00 ? 6  TYR A CD1  5 
ATOM 696 C CD2  . TYR A 1 6  ? 0.503  -0.514 5.588  1.00 0.00 ? 6  TYR A CD2  5 
ATOM 697 C CE1  . TYR A 1 6  ? 2.890  -1.816 5.195  1.00 0.00 ? 6  TYR A CE1  5 
ATOM 698 C CE2  . TYR A 1 6  ? 1.444  -0.543 6.588  1.00 0.00 ? 6  TYR A CE2  5 
ATOM 699 C CZ   . TYR A 1 6  ? 2.638  -1.190 6.388  1.00 0.00 ? 6  TYR A CZ   5 
ATOM 700 O OH   . TYR A 1 6  ? 3.582  -1.205 7.382  1.00 0.00 ? 6  TYR A OH   5 
ATOM 701 H H    . TYR A 1 6  ? -1.880 -0.648 1.187  1.00 0.00 ? 6  TYR A H    5 
ATOM 702 H HA   . TYR A 1 6  ? 0.011  0.989  2.833  1.00 0.00 ? 6  TYR A HA   5 
ATOM 703 H HB2  . TYR A 1 6  ? -1.305 -1.006 3.719  1.00 0.00 ? 6  TYR A HB2  5 
ATOM 704 H HB3  . TYR A 1 6  ? -0.310 -2.081 2.737  1.00 0.00 ? 6  TYR A HB3  5 
ATOM 705 H HD1  . TYR A 1 6  ? 2.150  -2.296 3.260  1.00 0.00 ? 6  TYR A HD1  5 
ATOM 706 H HD2  . TYR A 1 6  ? -0.434 0.000  5.748  1.00 0.00 ? 6  TYR A HD2  5 
ATOM 707 H HE1  . TYR A 1 6  ? 3.833  -2.319 5.036  1.00 0.00 ? 6  TYR A HE1  5 
ATOM 708 H HE2  . TYR A 1 6  ? 1.247  -0.048 7.527  1.00 0.00 ? 6  TYR A HE2  5 
ATOM 709 H HH   . TYR A 1 6  ? 4.350  -1.693 7.077  1.00 0.00 ? 6  TYR A HH   5 
ATOM 710 N N    . GLY A 1 7  ? 1.258  -1.039 0.461  1.00 0.00 ? 7  GLY A N    5 
ATOM 711 C CA   . GLY A 1 7  ? 2.476  -1.245 -0.359 1.00 0.00 ? 7  GLY A CA   5 
ATOM 712 C C    . GLY A 1 7  ? 2.939  -0.004 -1.167 1.00 0.00 ? 7  GLY A C    5 
ATOM 713 O O    . GLY A 1 7  ? 4.126  0.127  -1.472 1.00 0.00 ? 7  GLY A O    5 
ATOM 714 H H    . GLY A 1 7  ? 0.370  -1.523 0.283  1.00 0.00 ? 7  GLY A H    5 
ATOM 715 H HA2  . GLY A 1 7  ? 3.304  -1.575 0.297  1.00 0.00 ? 7  GLY A HA2  5 
ATOM 716 H HA3  . GLY A 1 7  ? 2.298  -2.083 -1.059 1.00 0.00 ? 7  GLY A HA3  5 
ATOM 717 N N    . GLY A 1 8  ? 2.015  0.915  -1.498 1.00 0.00 ? 8  GLY A N    5 
ATOM 718 C CA   . GLY A 1 8  ? 2.417  2.169  -2.167 1.00 0.00 ? 8  GLY A CA   5 
ATOM 719 C C    . GLY A 1 8  ? 3.173  3.123  -1.224 1.00 0.00 ? 8  GLY A C    5 
ATOM 720 O O    . GLY A 1 8  ? 4.340  3.448  -1.458 1.00 0.00 ? 8  GLY A O    5 
ATOM 721 H H    . GLY A 1 8  ? 1.059  0.732  -1.175 1.00 0.00 ? 8  GLY A H    5 
ATOM 722 H HA2  . GLY A 1 8  ? 3.046  1.939  -3.049 1.00 0.00 ? 8  GLY A HA2  5 
ATOM 723 H HA3  . GLY A 1 8  ? 1.516  2.677  -2.559 1.00 0.00 ? 8  GLY A HA3  5 
ATOM 724 N N    . ILE A 1 9  ? 2.480  3.623  -0.190 1.00 0.00 ? 9  ILE A N    5 
ATOM 725 C CA   . ILE A 1 9  ? 3.048  4.724  0.633  1.00 0.00 ? 9  ILE A CA   5 
ATOM 726 C C    . ILE A 1 9  ? 3.922  4.194  1.810  1.00 0.00 ? 9  ILE A C    5 
ATOM 727 O O    . ILE A 1 9  ? 5.020  4.707  2.041  1.00 0.00 ? 9  ILE A O    5 
ATOM 728 C CB   . ILE A 1 9  ? 1.905  5.693  1.081  1.00 0.00 ? 9  ILE A CB   5 
ATOM 729 C CG1  . ILE A 1 9  ? 2.454  7.014  1.673  1.00 0.00 ? 9  ILE A CG1  5 
ATOM 730 C CG2  . ILE A 1 9  ? 0.937  5.055  2.098  1.00 0.00 ? 9  ILE A CG2  5 
ATOM 731 C CD1  . ILE A 1 9  ? 3.151  7.888  0.623  1.00 0.00 ? 9  ILE A CD1  5 
ATOM 732 H H    . ILE A 1 9  ? 1.509  3.301  -0.102 1.00 0.00 ? 9  ILE A H    5 
ATOM 733 H HA   . ILE A 1 9  ? 3.723  5.307  -0.019 1.00 0.00 ? 9  ILE A HA   5 
ATOM 734 H HB   . ILE A 1 9  ? 1.311  5.950  0.183  1.00 0.00 ? 9  ILE A HB   5 
ATOM 735 H HG12 . ILE A 1 9  ? 1.622  7.592  2.119  1.00 0.00 ? 9  ILE A HG12 5 
ATOM 736 H HG13 . ILE A 1 9  ? 3.151  6.802  2.507  1.00 0.00 ? 9  ILE A HG13 5 
ATOM 737 H HG21 . ILE A 1 9  ? 0.630  4.042  1.786  1.00 0.00 ? 9  ILE A HG21 5 
ATOM 738 H HG22 . ILE A 1 9  ? 1.400  4.971  3.096  1.00 0.00 ? 9  ILE A HG22 5 
ATOM 739 H HG23 . ILE A 1 9  ? 0.019  5.658  2.210  1.00 0.00 ? 9  ILE A HG23 5 
ATOM 740 H HD11 . ILE A 1 9  ? 2.502  8.061  -0.255 1.00 0.00 ? 9  ILE A HD11 5 
ATOM 741 H HD12 . ILE A 1 9  ? 3.414  8.877  1.041  1.00 0.00 ? 9  ILE A HD12 5 
ATOM 742 H HD13 . ILE A 1 9  ? 4.087  7.426  0.262  1.00 0.00 ? 9  ILE A HD13 5 
ATOM 743 N N    . LYS A 1 10 ? 3.443  3.186  2.560  1.00 0.00 ? 10 LYS A N    5 
ATOM 744 C CA   . LYS A 1 10 ? 4.152  2.774  3.796  1.00 0.00 ? 10 LYS A CA   5 
ATOM 745 C C    . LYS A 1 10 ? 5.294  1.806  3.452  1.00 0.00 ? 10 LYS A C    5 
ATOM 746 O O    . LYS A 1 10 ? 6.472  2.180  3.642  1.00 0.00 ? 10 LYS A O    5 
ATOM 747 C CB   . LYS A 1 10 ? 3.177  2.104  4.794  1.00 0.00 ? 10 LYS A CB   5 
ATOM 748 C CG   . LYS A 1 10 ? 1.991  2.992  5.219  1.00 0.00 ? 10 LYS A CG   5 
ATOM 749 C CD   . LYS A 1 10 ? 2.424  4.287  5.928  1.00 0.00 ? 10 LYS A CD   5 
ATOM 750 C CE   . LYS A 1 10 ? 1.201  5.159  6.230  1.00 0.00 ? 10 LYS A CE   5 
ATOM 751 N NZ   . LYS A 1 10 ? 1.605  6.398  6.913  1.00 0.00 ? 10 LYS A NZ   5 
ATOM 752 O OXT  . LYS A 1 10 ? 5.020  0.671  3.001  1.00 0.00 ? 10 LYS A OXT  5 
ATOM 753 H H    . LYS A 1 10 ? 2.496  2.865  2.329  1.00 0.00 ? 10 LYS A H    5 
ATOM 754 H HA   . LYS A 1 10 ? 4.592  3.669  4.277  1.00 0.00 ? 10 LYS A HA   5 
ATOM 755 H HB2  . LYS A 1 10 ? 2.779  1.172  4.347  1.00 0.00 ? 10 LYS A HB2  5 
ATOM 756 H HB3  . LYS A 1 10 ? 3.733  1.785  5.695  1.00 0.00 ? 10 LYS A HB3  5 
ATOM 757 H HG2  . LYS A 1 10 ? 1.373  3.231  4.336  1.00 0.00 ? 10 LYS A HG2  5 
ATOM 758 H HG3  . LYS A 1 10 ? 1.331  2.416  5.893  1.00 0.00 ? 10 LYS A HG3  5 
ATOM 759 H HD2  . LYS A 1 10 ? 2.964  4.045  6.862  1.00 0.00 ? 10 LYS A HD2  5 
ATOM 760 H HD3  . LYS A 1 10 ? 3.133  4.852  5.294  1.00 0.00 ? 10 LYS A HD3  5 
ATOM 761 H HE2  . LYS A 1 10 ? 0.675  5.413  5.291  1.00 0.00 ? 10 LYS A HE2  5 
ATOM 762 H HE3  . LYS A 1 10 ? 0.478  4.607  6.858  1.00 0.00 ? 10 LYS A HE3  5 
ATOM 763 H HZ1  . LYS A 1 10 ? 2.413  6.835  6.456  1.00 0.00 ? 10 LYS A HZ1  5 
ATOM 764 H HZ2  . LYS A 1 10 ? 0.846  7.090  6.916  1.00 0.00 ? 10 LYS A HZ2  5 
ATOM 765 H HZ3  . LYS A 1 10 ? 1.862  6.225  7.891  1.00 0.00 ? 10 LYS A HZ3  5 
# 
